data_8JDA
#
_entry.id   8JDA
#
_cell.length_a   1.00
_cell.length_b   1.00
_cell.length_c   1.00
_cell.angle_alpha   90.00
_cell.angle_beta   90.00
_cell.angle_gamma   90.00
#
_symmetry.space_group_name_H-M   'P 1'
#
_entity_poly.entity_id   1
_entity_poly.type   'polypeptide(L)'
_entity_poly.pdbx_seq_one_letter_code
;MKLESSPVDAVLFVGMSLVLGIASRHLLRGTRVPYTVALLVIGIALGSLEYGAKHNLGKIGHGIRIWNEIDPELLLAVFL
PALLFESSFSMEVHQIKRCLGQMVLLAVPGVLISTACLGSLVKVTFPYEWDWKTSLLLGGLLSATDPVAVVALLKELGAS
KKLSTIIEGESLMNDGTAIVVFQLFLKMAMGQNSDWSSIIKFLLKVALGAVGIGLAFGIASVIWLKFIFNDTVIEITLTI
AVSYFAYYTAQEWAGASGVLTVMTLGMFYAAFARTAFKGDSQKSLHHFWEMVAYIANTLIFILSGVVIAEGILDSDKIAY
QGNSWRFLFLLYVYIQLSRVVVVGVLYPLLCRFGYGLDWKESIILVWSGLRGAVALALSLSVKQSSGNSHISKETGTLFL
FFTGGIVFLTLIVNGSTTQFVLRLLRMDILPAPKKRILEYTKYEMLNKALRAFQDLGDDEELGPADWPTVESYISSLKGS
EGELVHHPHNGSKIGSLDPKSLKDIRMRFLNGVQATYWEMLDEGRISEVTANILMQSVDEALDQVSTTLCDWRGLKPHVN
FPNYYNFLHSKVVPRKLVTYFAVERLESACYISAAFLRAHTIARQQLYDFLGESNIGSIVINESEKEGEEAKKFLEKVRS
SFPQVLRVVKTKQVTYSVLNHLLGYIENLEKVGLLEEKEIAHLHDAVQTGLKKLLRNPPIVKLPKLSDMITSHPLSVALP
PAFCEPLKHSKKEPMKLRGVTLYKEGSKPTGVWLIFDGIVKWKSKILSNNHSLHPTFSHGSTLGLYEVLTGKPYLCDLIT
DSMVLCFFIDSEKILSLQSDSTIDDFLWQESALVLLKLLRPQIFESVAMQELRALVSTESSKLTTYVTGESIEIDCNSIG
LLLEGFVKPVGIKEELISSPAALSPSNGNQSFHNSSEASGIMRVSFSQQATQYIVETRARAIIFNIGAFGADRTLHRRPS
SLTPPRSSSSDQLQRSFRKEHRGLMSWPENIYAKQQQEINKTTLSLSERAMQLSIFGSMVNVYRRSVSFGGIYNNKLQDN
LLYKKLPLNPAQGLVSAKSESSIVTKKQLETRKHACQLPLKGESSTRQNTMVESSDEEDEDEGIVVRIDSPSKIVFRNDL
LESAWSHPQFEKGGGSGGGSGGSAWSHPQFEKGSDYKDDDDK
;
_entity_poly.pdbx_strand_id   A,B
#
# COMPACT_ATOMS: atom_id res chain seq x y z
N GLU A 4 -7.60 16.72 -15.58
CA GLU A 4 -8.78 15.89 -15.81
C GLU A 4 -8.52 14.44 -15.43
N SER A 5 -9.04 14.04 -14.27
CA SER A 5 -8.87 12.69 -13.75
C SER A 5 -7.39 12.31 -13.67
N SER A 6 -6.60 13.21 -13.12
CA SER A 6 -5.18 12.96 -12.97
C SER A 6 -4.97 11.76 -12.03
N PRO A 7 -4.04 10.86 -12.35
CA PRO A 7 -3.89 9.66 -11.53
C PRO A 7 -3.56 9.93 -10.08
N VAL A 8 -2.85 11.03 -9.79
CA VAL A 8 -2.52 11.36 -8.41
C VAL A 8 -3.79 11.54 -7.57
N ASP A 9 -4.90 11.91 -8.21
CA ASP A 9 -6.16 12.06 -7.48
C ASP A 9 -6.57 10.76 -6.80
N ALA A 10 -6.15 9.61 -7.34
CA ALA A 10 -6.44 8.34 -6.68
C ALA A 10 -5.88 8.32 -5.28
N VAL A 11 -4.63 8.80 -5.11
CA VAL A 11 -4.03 8.88 -3.78
C VAL A 11 -4.89 9.73 -2.86
N LEU A 12 -5.55 10.75 -3.42
CA LEU A 12 -6.46 11.57 -2.65
C LEU A 12 -7.51 10.71 -1.95
N PHE A 13 -8.08 9.75 -2.67
CA PHE A 13 -9.04 8.84 -2.05
C PHE A 13 -8.41 8.09 -0.89
N VAL A 14 -7.21 7.55 -1.09
CA VAL A 14 -6.48 6.89 -0.02
C VAL A 14 -6.21 7.87 1.12
N GLY A 15 -6.04 9.15 0.79
CA GLY A 15 -5.84 10.15 1.81
C GLY A 15 -7.12 10.60 2.47
N MET A 16 -8.27 10.37 1.82
CA MET A 16 -9.51 10.87 2.36
C MET A 16 -10.32 9.77 3.03
N SER A 17 -10.61 8.69 2.30
CA SER A 17 -11.41 7.60 2.87
C SER A 17 -10.86 7.16 4.21
N LEU A 18 -9.53 6.95 4.29
CA LEU A 18 -8.92 6.54 5.54
C LEU A 18 -9.28 7.50 6.67
N VAL A 19 -9.07 8.81 6.47
CA VAL A 19 -9.40 9.73 7.56
C VAL A 19 -10.91 9.73 7.79
N LEU A 20 -11.69 9.60 6.72
CA LEU A 20 -13.13 9.47 6.89
C LEU A 20 -13.47 8.24 7.70
N GLY A 21 -12.70 7.16 7.52
CA GLY A 21 -12.84 6.02 8.40
C GLY A 21 -12.41 6.34 9.82
N ILE A 22 -11.25 7.01 9.95
CA ILE A 22 -10.66 7.21 11.27
C ILE A 22 -11.62 7.99 12.17
N ALA A 23 -12.11 9.11 11.66
CA ALA A 23 -13.09 9.90 12.42
C ALA A 23 -14.25 9.03 12.87
N SER A 24 -14.76 8.19 11.97
CA SER A 24 -15.87 7.31 12.35
C SER A 24 -15.44 6.38 13.48
N ARG A 25 -14.26 5.79 13.37
CA ARG A 25 -13.78 4.93 14.45
C ARG A 25 -13.58 5.71 15.73
N HIS A 26 -13.30 7.01 15.62
CA HIS A 26 -13.28 7.86 16.81
C HIS A 26 -14.70 8.19 17.27
N LEU A 27 -15.61 8.46 16.33
CA LEU A 27 -16.94 8.90 16.71
C LEU A 27 -17.85 7.73 17.09
N LEU A 28 -17.47 6.51 16.72
CA LEU A 28 -18.25 5.31 17.02
C LEU A 28 -17.31 4.30 17.68
N ARG A 29 -17.14 4.40 19.00
CA ARG A 29 -16.31 3.48 19.75
C ARG A 29 -17.11 2.67 20.76
N GLY A 30 -17.85 3.33 21.64
CA GLY A 30 -18.68 2.65 22.62
C GLY A 30 -20.12 2.54 22.17
N THR A 31 -20.45 3.21 21.07
CA THR A 31 -21.80 3.17 20.53
C THR A 31 -22.09 1.80 19.92
N ARG A 32 -23.37 1.42 19.94
CA ARG A 32 -23.78 0.12 19.40
C ARG A 32 -23.44 0.00 17.92
N VAL A 33 -23.68 1.06 17.15
CA VAL A 33 -23.48 0.99 15.70
C VAL A 33 -21.98 0.97 15.39
N PRO A 34 -21.49 0.02 14.60
CA PRO A 34 -20.06 0.00 14.27
C PRO A 34 -19.69 1.10 13.29
N TYR A 35 -18.38 1.27 13.02
CA TYR A 35 -17.96 2.30 12.07
C TYR A 35 -18.21 1.91 10.62
N THR A 36 -18.41 0.61 10.35
CA THR A 36 -18.61 0.17 8.98
C THR A 36 -19.90 0.72 8.39
N VAL A 37 -20.99 0.74 9.17
CA VAL A 37 -22.24 1.28 8.66
C VAL A 37 -22.13 2.79 8.44
N ALA A 38 -21.40 3.48 9.31
CA ALA A 38 -21.16 4.90 9.11
C ALA A 38 -20.38 5.13 7.82
N LEU A 39 -19.36 4.31 7.57
CA LEU A 39 -18.64 4.41 6.31
C LEU A 39 -19.54 4.16 5.11
N LEU A 40 -20.40 3.16 5.21
CA LEU A 40 -21.28 2.83 4.09
C LEU A 40 -22.25 3.96 3.81
N VAL A 41 -22.84 4.56 4.86
CA VAL A 41 -23.79 5.64 4.61
C VAL A 41 -23.06 6.89 4.09
N ILE A 42 -21.84 7.14 4.57
CA ILE A 42 -21.06 8.26 4.03
C ILE A 42 -20.77 8.02 2.55
N GLY A 43 -20.40 6.80 2.19
CA GLY A 43 -20.16 6.48 0.79
C GLY A 43 -21.40 6.63 -0.07
N ILE A 44 -22.55 6.20 0.46
CA ILE A 44 -23.81 6.36 -0.26
C ILE A 44 -24.12 7.83 -0.49
N ALA A 45 -23.98 8.65 0.55
CA ALA A 45 -24.26 10.08 0.41
C ALA A 45 -23.32 10.73 -0.59
N LEU A 46 -22.02 10.42 -0.51
CA LEU A 46 -21.04 11.01 -1.41
C LEU A 46 -21.31 10.58 -2.85
N GLY A 47 -21.60 9.30 -3.07
CA GLY A 47 -21.91 8.85 -4.41
C GLY A 47 -23.19 9.45 -4.95
N SER A 48 -24.17 9.67 -4.08
CA SER A 48 -25.39 10.35 -4.52
C SER A 48 -25.10 11.78 -4.93
N LEU A 49 -24.23 12.47 -4.19
CA LEU A 49 -23.83 13.81 -4.56
C LEU A 49 -22.97 13.84 -5.82
N GLU A 50 -22.27 12.75 -6.14
CA GLU A 50 -21.41 12.70 -7.32
C GLU A 50 -22.15 12.26 -8.59
N TYR A 51 -23.01 11.26 -8.51
CA TYR A 51 -23.69 10.70 -9.67
C TYR A 51 -25.20 10.92 -9.67
N GLY A 52 -25.85 10.91 -8.50
CA GLY A 52 -27.27 11.13 -8.42
C GLY A 52 -27.65 12.55 -8.82
N ALA A 53 -27.10 13.53 -8.12
CA ALA A 53 -27.30 14.93 -8.46
C ALA A 53 -26.31 15.43 -9.51
N LYS A 54 -25.26 14.64 -9.81
CA LYS A 54 -24.24 15.02 -10.78
C LYS A 54 -23.61 16.38 -10.45
N HIS A 55 -23.42 16.63 -9.16
CA HIS A 55 -22.80 17.87 -8.73
C HIS A 55 -21.30 17.86 -9.04
N ASN A 56 -20.82 18.98 -9.58
CA ASN A 56 -19.40 19.12 -9.87
C ASN A 56 -18.66 19.26 -8.54
N LEU A 57 -18.03 18.18 -8.11
CA LEU A 57 -17.43 18.13 -6.78
C LEU A 57 -15.94 18.48 -6.78
N GLY A 58 -15.22 18.15 -7.85
CA GLY A 58 -13.84 18.57 -7.96
C GLY A 58 -12.82 17.45 -7.97
N LYS A 59 -11.66 17.70 -7.36
CA LYS A 59 -10.61 16.69 -7.29
C LYS A 59 -11.08 15.47 -6.51
N ILE A 60 -11.89 15.69 -5.47
CA ILE A 60 -12.53 14.57 -4.78
C ILE A 60 -13.34 13.74 -5.78
N GLY A 61 -14.10 14.43 -6.63
CA GLY A 61 -14.86 13.73 -7.66
C GLY A 61 -13.97 13.00 -8.65
N HIS A 62 -12.81 13.58 -8.96
CA HIS A 62 -11.86 12.89 -9.83
C HIS A 62 -11.36 11.60 -9.19
N GLY A 63 -11.04 11.64 -7.89
CA GLY A 63 -10.67 10.41 -7.21
C GLY A 63 -11.78 9.39 -7.17
N ILE A 64 -13.02 9.86 -6.98
CA ILE A 64 -14.17 8.96 -6.98
C ILE A 64 -14.32 8.29 -8.33
N ARG A 65 -14.21 9.06 -9.40
CA ARG A 65 -14.30 8.51 -10.75
C ARG A 65 -13.11 7.62 -11.10
N ILE A 66 -11.97 7.83 -10.46
CA ILE A 66 -10.83 6.94 -10.67
C ILE A 66 -11.04 5.59 -9.99
N TRP A 67 -11.45 5.60 -8.72
CA TRP A 67 -11.68 4.33 -8.04
C TRP A 67 -12.99 3.66 -8.43
N ASN A 68 -13.89 4.37 -9.12
CA ASN A 68 -15.12 3.74 -9.59
C ASN A 68 -14.81 2.74 -10.70
N GLU A 69 -13.84 3.05 -11.55
CA GLU A 69 -13.43 2.15 -12.63
C GLU A 69 -12.40 1.13 -12.17
N ILE A 70 -12.35 0.83 -10.87
CA ILE A 70 -11.47 -0.21 -10.38
C ILE A 70 -11.80 -1.52 -11.08
N ASP A 71 -10.78 -2.24 -11.51
CA ASP A 71 -11.01 -3.45 -12.28
C ASP A 71 -11.70 -4.50 -11.43
N PRO A 72 -12.58 -5.31 -12.03
CA PRO A 72 -13.32 -6.31 -11.24
C PRO A 72 -12.44 -7.26 -10.44
N GLU A 73 -11.31 -7.71 -10.98
CA GLU A 73 -10.45 -8.61 -10.23
C GLU A 73 -9.28 -7.91 -9.54
N LEU A 74 -8.91 -6.71 -9.98
CA LEU A 74 -7.91 -5.95 -9.23
C LEU A 74 -8.45 -5.56 -7.85
N LEU A 75 -9.73 -5.24 -7.78
CA LEU A 75 -10.38 -5.00 -6.50
C LEU A 75 -10.15 -6.17 -5.54
N LEU A 76 -10.42 -7.38 -6.02
CA LEU A 76 -10.20 -8.57 -5.20
C LEU A 76 -8.72 -8.69 -4.84
N ALA A 77 -7.83 -8.60 -5.84
CA ALA A 77 -6.41 -8.82 -5.61
C ALA A 77 -5.83 -7.85 -4.61
N VAL A 78 -6.37 -6.64 -4.53
CA VAL A 78 -5.86 -5.66 -3.58
C VAL A 78 -6.51 -5.83 -2.21
N PHE A 79 -7.80 -6.10 -2.14
CA PHE A 79 -8.50 -5.98 -0.87
C PHE A 79 -8.80 -7.31 -0.18
N LEU A 80 -9.20 -8.35 -0.91
CA LEU A 80 -9.59 -9.59 -0.22
C LEU A 80 -8.43 -10.23 0.53
N PRO A 81 -7.24 -10.41 -0.05
CA PRO A 81 -6.11 -10.86 0.79
C PRO A 81 -5.83 -9.92 1.94
N ALA A 82 -5.94 -8.61 1.73
CA ALA A 82 -5.76 -7.67 2.83
C ALA A 82 -6.84 -7.84 3.88
N LEU A 83 -8.09 -8.04 3.45
CA LEU A 83 -9.19 -8.20 4.39
C LEU A 83 -9.06 -9.48 5.21
N LEU A 84 -8.53 -10.55 4.62
CA LEU A 84 -8.63 -11.86 5.22
C LEU A 84 -7.33 -12.41 5.79
N PHE A 85 -6.17 -11.83 5.47
CA PHE A 85 -4.94 -12.33 6.06
C PHE A 85 -4.85 -11.98 7.53
N GLU A 86 -5.40 -10.83 7.95
CA GLU A 86 -5.45 -10.52 9.36
C GLU A 86 -6.26 -11.57 10.12
N SER A 87 -7.43 -11.94 9.59
CA SER A 87 -8.29 -12.90 10.26
C SER A 87 -7.67 -14.29 10.26
N SER A 88 -7.16 -14.73 9.11
CA SER A 88 -6.50 -16.02 9.03
C SER A 88 -5.22 -16.07 9.86
N PHE A 89 -4.64 -14.92 10.16
CA PHE A 89 -3.40 -14.81 10.90
C PHE A 89 -3.63 -14.61 12.39
N SER A 90 -4.60 -13.77 12.75
CA SER A 90 -4.87 -13.46 14.15
C SER A 90 -5.93 -14.42 14.72
N MET A 91 -5.62 -15.72 14.59
CA MET A 91 -6.45 -16.77 15.18
C MET A 91 -5.54 -17.77 15.87
N GLU A 92 -5.94 -18.19 17.08
CA GLU A 92 -5.14 -19.13 17.83
C GLU A 92 -5.42 -20.56 17.37
N VAL A 93 -4.40 -21.41 17.48
CA VAL A 93 -4.55 -22.81 17.06
C VAL A 93 -4.94 -23.72 18.22
N HIS A 94 -4.63 -23.34 19.46
CA HIS A 94 -4.97 -24.19 20.60
C HIS A 94 -6.48 -24.25 20.79
N GLN A 95 -7.18 -23.17 20.48
CA GLN A 95 -8.63 -23.15 20.64
C GLN A 95 -9.34 -23.59 19.36
N ILE A 96 -8.58 -24.00 18.35
CA ILE A 96 -9.16 -24.51 17.11
C ILE A 96 -8.94 -26.02 16.96
N LYS A 97 -7.86 -26.55 17.54
CA LYS A 97 -7.74 -28.00 17.54
C LYS A 97 -8.74 -28.66 18.49
N ARG A 98 -9.33 -27.88 19.39
CA ARG A 98 -10.37 -28.39 20.29
C ARG A 98 -11.77 -28.29 19.71
N CYS A 99 -11.94 -27.58 18.59
CA CYS A 99 -13.27 -27.37 18.03
C CYS A 99 -13.31 -27.45 16.50
N LEU A 100 -12.28 -28.03 15.88
CA LEU A 100 -12.24 -28.18 14.42
C LEU A 100 -13.47 -28.91 13.88
N GLY A 101 -13.89 -29.98 14.55
CA GLY A 101 -15.06 -30.70 14.11
C GLY A 101 -16.32 -29.86 14.17
N GLN A 102 -16.43 -29.01 15.18
CA GLN A 102 -17.58 -28.13 15.31
C GLN A 102 -17.53 -26.93 14.36
N MET A 103 -16.35 -26.55 13.90
CA MET A 103 -16.23 -25.47 12.92
C MET A 103 -16.50 -25.95 11.51
N VAL A 104 -15.98 -27.13 11.14
CA VAL A 104 -16.19 -27.66 9.80
C VAL A 104 -17.69 -27.86 9.57
N LEU A 105 -18.36 -28.51 10.52
CA LEU A 105 -19.81 -28.66 10.45
C LEU A 105 -20.54 -27.45 11.02
N LEU A 106 -20.04 -26.25 10.71
CA LEU A 106 -20.76 -25.01 10.90
C LEU A 106 -20.43 -24.10 9.72
N ALA A 107 -19.38 -24.48 8.99
CA ALA A 107 -18.88 -23.65 7.90
C ALA A 107 -19.23 -24.32 6.59
N VAL A 108 -18.77 -25.55 6.35
CA VAL A 108 -18.98 -26.14 5.03
C VAL A 108 -20.45 -26.53 4.86
N PRO A 109 -21.03 -27.45 5.66
CA PRO A 109 -22.46 -27.69 5.54
C PRO A 109 -23.27 -26.58 6.20
N GLY A 110 -22.57 -25.56 6.67
CA GLY A 110 -23.22 -24.39 7.20
C GLY A 110 -23.46 -23.35 6.11
N VAL A 111 -22.80 -23.53 4.97
CA VAL A 111 -23.01 -22.66 3.82
C VAL A 111 -23.63 -23.40 2.66
N LEU A 112 -23.35 -24.70 2.52
CA LEU A 112 -23.97 -25.47 1.43
C LEU A 112 -25.43 -25.74 1.70
N ILE A 113 -25.95 -25.25 2.82
CA ILE A 113 -27.38 -25.34 3.11
C ILE A 113 -27.93 -23.93 3.26
N SER A 114 -27.08 -23.03 3.75
CA SER A 114 -27.46 -21.63 3.86
C SER A 114 -27.68 -21.00 2.49
N THR A 115 -26.79 -21.28 1.53
CA THR A 115 -27.01 -20.82 0.16
C THR A 115 -28.28 -21.42 -0.41
N ALA A 116 -28.46 -22.73 -0.24
CA ALA A 116 -29.59 -23.45 -0.81
C ALA A 116 -30.92 -22.85 -0.36
N CYS A 117 -31.10 -22.68 0.94
CA CYS A 117 -32.38 -22.20 1.47
C CYS A 117 -32.73 -20.80 0.95
N LEU A 118 -31.88 -19.82 1.26
CA LEU A 118 -32.18 -18.44 0.92
C LEU A 118 -31.99 -18.16 -0.57
N GLY A 119 -31.45 -19.09 -1.34
CA GLY A 119 -31.41 -18.92 -2.78
C GLY A 119 -32.64 -19.48 -3.43
N SER A 120 -33.13 -20.62 -2.94
CA SER A 120 -34.39 -21.16 -3.41
C SER A 120 -35.53 -20.19 -3.11
N LEU A 121 -35.51 -19.58 -1.93
CA LEU A 121 -36.59 -18.65 -1.57
C LEU A 121 -36.60 -17.44 -2.51
N VAL A 122 -35.44 -16.87 -2.82
CA VAL A 122 -35.42 -15.71 -3.70
C VAL A 122 -35.69 -16.12 -5.15
N LYS A 123 -35.29 -17.34 -5.53
CA LYS A 123 -35.62 -17.84 -6.86
C LYS A 123 -37.12 -17.96 -7.04
N VAL A 124 -37.82 -18.42 -6.00
CA VAL A 124 -39.27 -18.56 -6.11
C VAL A 124 -40.03 -17.30 -5.74
N THR A 125 -39.36 -16.26 -5.24
CA THR A 125 -40.09 -15.07 -4.81
C THR A 125 -39.77 -13.80 -5.59
N PHE A 126 -38.52 -13.56 -5.98
CA PHE A 126 -38.19 -12.34 -6.72
C PHE A 126 -38.80 -12.36 -8.12
N PRO A 127 -39.59 -11.36 -8.50
CA PRO A 127 -40.14 -11.29 -9.86
C PRO A 127 -39.23 -10.62 -10.87
N TYR A 128 -37.96 -10.40 -10.55
CA TYR A 128 -37.01 -9.73 -11.43
C TYR A 128 -36.50 -10.63 -12.57
N GLU A 129 -37.11 -11.78 -12.82
CA GLU A 129 -36.75 -12.69 -13.92
C GLU A 129 -35.30 -13.19 -13.76
N TRP A 130 -35.10 -13.96 -12.71
CA TRP A 130 -33.82 -14.59 -12.39
C TRP A 130 -33.80 -16.05 -12.83
N ASP A 131 -32.70 -16.72 -12.55
CA ASP A 131 -32.48 -18.09 -12.99
C ASP A 131 -31.92 -18.95 -11.86
N TRP A 132 -31.54 -20.19 -12.18
CA TRP A 132 -30.83 -21.04 -11.23
C TRP A 132 -29.52 -20.41 -10.82
N LYS A 133 -28.60 -20.27 -11.78
CA LYS A 133 -27.23 -19.90 -11.48
C LYS A 133 -27.14 -18.47 -10.95
N THR A 134 -27.84 -17.54 -11.59
CA THR A 134 -27.72 -16.13 -11.21
C THR A 134 -28.44 -15.81 -9.90
N SER A 135 -29.24 -16.73 -9.36
CA SER A 135 -29.84 -16.55 -8.05
C SER A 135 -29.08 -17.30 -6.95
N LEU A 136 -28.65 -18.53 -7.22
CA LEU A 136 -27.79 -19.20 -6.26
C LEU A 136 -26.41 -18.53 -6.17
N LEU A 137 -26.03 -17.73 -7.17
CA LEU A 137 -24.83 -16.92 -7.04
C LEU A 137 -25.00 -15.87 -5.93
N LEU A 138 -26.14 -15.18 -5.91
CA LEU A 138 -26.43 -14.28 -4.79
C LEU A 138 -26.54 -15.05 -3.49
N GLY A 139 -27.16 -16.23 -3.53
CA GLY A 139 -27.25 -17.05 -2.33
C GLY A 139 -25.89 -17.40 -1.76
N GLY A 140 -24.94 -17.73 -2.62
CA GLY A 140 -23.61 -18.09 -2.21
C GLY A 140 -22.76 -16.93 -1.76
N LEU A 141 -22.91 -15.77 -2.42
CA LEU A 141 -22.11 -14.62 -2.03
C LEU A 141 -22.62 -13.95 -0.77
N LEU A 142 -23.94 -13.91 -0.57
CA LEU A 142 -24.47 -13.16 0.55
C LEU A 142 -24.50 -13.97 1.84
N SER A 143 -24.27 -15.29 1.76
CA SER A 143 -24.13 -16.11 2.96
C SER A 143 -22.67 -16.11 3.42
N ALA A 144 -22.16 -14.90 3.65
CA ALA A 144 -20.76 -14.69 3.99
C ALA A 144 -20.68 -13.73 5.16
N THR A 145 -20.17 -14.22 6.29
CA THR A 145 -20.15 -13.47 7.55
C THR A 145 -18.78 -12.87 7.79
N ASP A 146 -18.75 -11.58 8.12
CA ASP A 146 -17.49 -10.88 8.32
C ASP A 146 -16.74 -11.47 9.51
N PRO A 147 -15.47 -11.90 9.33
CA PRO A 147 -14.70 -12.40 10.48
C PRO A 147 -14.11 -11.27 11.32
N VAL A 148 -14.51 -10.04 11.03
CA VAL A 148 -14.04 -8.86 11.74
C VAL A 148 -15.13 -8.28 12.63
N ALA A 149 -16.33 -8.11 12.11
CA ALA A 149 -17.43 -7.63 12.93
C ALA A 149 -17.80 -8.62 14.02
N VAL A 150 -17.74 -9.92 13.72
CA VAL A 150 -18.06 -10.93 14.72
C VAL A 150 -17.08 -10.85 15.88
N VAL A 151 -15.79 -10.68 15.59
CA VAL A 151 -14.81 -10.58 16.67
C VAL A 151 -14.95 -9.24 17.39
N ALA A 152 -15.31 -8.19 16.67
CA ALA A 152 -15.50 -6.88 17.27
C ALA A 152 -16.73 -6.85 18.17
N LEU A 153 -17.59 -7.86 18.04
CA LEU A 153 -18.68 -7.99 19.02
C LEU A 153 -18.35 -8.99 20.12
N LEU A 154 -17.67 -10.09 19.79
CA LEU A 154 -17.41 -11.11 20.80
C LEU A 154 -16.27 -10.72 21.73
N LYS A 155 -15.50 -9.69 21.40
CA LYS A 155 -14.55 -9.11 22.34
C LYS A 155 -15.06 -7.84 23.01
N GLU A 156 -15.83 -7.02 22.30
CA GLU A 156 -16.44 -5.86 22.94
C GLU A 156 -17.45 -6.27 24.00
N LEU A 157 -18.25 -7.29 23.69
CA LEU A 157 -19.27 -7.78 24.62
C LEU A 157 -18.73 -9.03 25.32
N GLY A 158 -18.79 -9.02 26.65
CA GLY A 158 -18.34 -10.16 27.42
C GLY A 158 -19.09 -11.43 27.09
N ALA A 159 -18.35 -12.50 26.80
CA ALA A 159 -18.95 -13.77 26.42
C ALA A 159 -17.97 -14.88 26.77
N SER A 160 -18.43 -16.13 26.62
CA SER A 160 -17.60 -17.27 26.94
C SER A 160 -16.40 -17.33 25.99
N LYS A 161 -15.26 -17.76 26.53
CA LYS A 161 -14.05 -17.91 25.73
C LYS A 161 -14.20 -19.00 24.69
N LYS A 162 -15.14 -19.93 24.88
CA LYS A 162 -15.42 -20.95 23.87
C LYS A 162 -16.56 -20.59 22.95
N LEU A 163 -17.56 -19.83 23.40
CA LEU A 163 -18.60 -19.34 22.50
C LEU A 163 -18.04 -18.30 21.54
N SER A 164 -17.27 -17.35 22.05
CA SER A 164 -16.59 -16.38 21.20
C SER A 164 -15.52 -17.04 20.32
N THR A 165 -15.08 -18.24 20.67
CA THR A 165 -14.25 -19.02 19.76
C THR A 165 -15.06 -19.62 18.63
N ILE A 166 -16.27 -20.10 18.91
CA ILE A 166 -17.12 -20.63 17.84
C ILE A 166 -17.51 -19.53 16.88
N ILE A 167 -17.98 -18.40 17.41
CA ILE A 167 -18.42 -17.31 16.53
C ILE A 167 -17.27 -16.74 15.73
N GLU A 168 -16.03 -16.85 16.23
CA GLU A 168 -14.86 -16.38 15.51
C GLU A 168 -14.35 -17.37 14.49
N GLY A 169 -14.26 -18.65 14.83
CA GLY A 169 -13.82 -19.65 13.87
C GLY A 169 -14.86 -20.04 12.86
N GLU A 170 -16.12 -19.67 13.08
CA GLU A 170 -17.14 -19.90 12.06
C GLU A 170 -16.89 -19.01 10.84
N SER A 171 -16.68 -17.71 11.07
CA SER A 171 -16.62 -16.75 9.97
C SER A 171 -15.39 -16.95 9.12
N LEU A 172 -14.26 -17.33 9.72
CA LEU A 172 -13.03 -17.46 8.97
C LEU A 172 -12.92 -18.80 8.23
N MET A 173 -14.01 -19.57 8.13
CA MET A 173 -14.21 -20.48 7.02
C MET A 173 -15.50 -20.24 6.25
N ASN A 174 -16.47 -19.51 6.82
CA ASN A 174 -17.58 -19.04 6.00
C ASN A 174 -17.06 -18.20 4.85
N ASP A 175 -16.11 -17.32 5.11
CA ASP A 175 -15.51 -16.59 3.99
C ASP A 175 -14.34 -17.35 3.40
N GLY A 176 -14.47 -18.66 3.26
CA GLY A 176 -13.57 -19.47 2.47
C GLY A 176 -14.36 -20.51 1.72
N THR A 177 -15.61 -20.69 2.14
CA THR A 177 -16.52 -21.59 1.46
C THR A 177 -17.80 -20.87 1.02
N ALA A 178 -17.87 -19.56 1.19
CA ALA A 178 -18.87 -18.73 0.52
C ALA A 178 -18.26 -17.96 -0.64
N ILE A 179 -16.97 -18.15 -0.90
CA ILE A 179 -16.29 -17.64 -2.07
C ILE A 179 -16.06 -18.72 -3.11
N VAL A 180 -16.27 -19.99 -2.72
CA VAL A 180 -16.34 -21.07 -3.69
C VAL A 180 -17.77 -21.41 -4.09
N VAL A 181 -18.73 -21.30 -3.20
CA VAL A 181 -20.14 -21.31 -3.58
C VAL A 181 -20.55 -19.98 -4.23
N PHE A 182 -19.61 -19.04 -4.29
CA PHE A 182 -19.73 -17.85 -5.13
C PHE A 182 -19.14 -18.07 -6.52
N GLN A 183 -17.90 -18.54 -6.59
CA GLN A 183 -17.19 -18.54 -7.85
C GLN A 183 -17.77 -19.55 -8.82
N LEU A 184 -18.26 -20.69 -8.33
CA LEU A 184 -18.82 -21.68 -9.25
C LEU A 184 -20.10 -21.16 -9.91
N PHE A 185 -20.98 -20.54 -9.13
CA PHE A 185 -22.19 -19.99 -9.73
C PHE A 185 -21.89 -18.80 -10.61
N LEU A 186 -20.87 -18.01 -10.25
CA LEU A 186 -20.45 -16.92 -11.14
C LEU A 186 -19.94 -17.46 -12.48
N LYS A 187 -19.14 -18.53 -12.43
CA LYS A 187 -18.64 -19.15 -13.64
C LYS A 187 -19.77 -19.71 -14.48
N MET A 188 -20.75 -20.36 -13.84
CA MET A 188 -21.90 -20.86 -14.58
C MET A 188 -22.69 -19.71 -15.22
N ALA A 189 -22.88 -18.61 -14.48
CA ALA A 189 -23.65 -17.49 -15.01
C ALA A 189 -22.94 -16.84 -16.19
N MET A 190 -21.62 -16.70 -16.11
CA MET A 190 -20.91 -15.90 -17.10
C MET A 190 -20.60 -16.69 -18.37
N GLY A 191 -19.84 -17.78 -18.27
CA GLY A 191 -19.27 -18.38 -19.46
C GLY A 191 -19.57 -19.84 -19.75
N GLN A 192 -20.32 -20.51 -18.86
CA GLN A 192 -20.64 -21.92 -19.09
C GLN A 192 -22.11 -22.13 -18.73
N ASN A 193 -22.49 -23.39 -18.54
CA ASN A 193 -23.86 -23.77 -18.25
C ASN A 193 -23.89 -24.61 -16.97
N SER A 194 -25.09 -25.12 -16.65
CA SER A 194 -25.27 -25.96 -15.47
C SER A 194 -24.73 -27.35 -15.76
N ASP A 195 -23.40 -27.47 -15.72
CA ASP A 195 -22.73 -28.73 -15.97
C ASP A 195 -22.53 -29.46 -14.65
N TRP A 196 -23.35 -30.49 -14.42
CA TRP A 196 -23.28 -31.30 -13.21
C TRP A 196 -22.17 -32.34 -13.26
N SER A 197 -21.37 -32.35 -14.33
CA SER A 197 -20.26 -33.28 -14.48
C SER A 197 -18.91 -32.65 -14.21
N SER A 198 -18.76 -31.34 -14.45
CA SER A 198 -17.51 -30.64 -14.24
C SER A 198 -17.48 -29.89 -12.91
N ILE A 199 -18.55 -29.96 -12.11
CA ILE A 199 -18.53 -29.36 -10.78
C ILE A 199 -17.48 -30.04 -9.92
N ILE A 200 -17.41 -31.38 -9.98
CA ILE A 200 -16.40 -32.12 -9.23
C ILE A 200 -14.98 -31.85 -9.72
N LYS A 201 -14.81 -31.47 -10.98
CA LYS A 201 -13.52 -31.02 -11.49
C LYS A 201 -13.17 -29.62 -11.01
N PHE A 202 -14.15 -28.73 -10.98
CA PHE A 202 -13.93 -27.36 -10.53
C PHE A 202 -13.56 -27.34 -9.05
N LEU A 203 -14.26 -28.14 -8.25
CA LEU A 203 -14.01 -28.22 -6.82
C LEU A 203 -12.77 -29.05 -6.51
N LEU A 204 -12.25 -29.74 -7.51
CA LEU A 204 -11.01 -30.47 -7.32
C LEU A 204 -9.80 -29.62 -7.69
N LYS A 205 -9.93 -28.75 -8.70
CA LYS A 205 -8.88 -27.77 -8.94
C LYS A 205 -8.90 -26.68 -7.87
N VAL A 206 -9.97 -25.89 -7.81
CA VAL A 206 -10.09 -24.83 -6.83
C VAL A 206 -10.25 -25.46 -5.46
N ALA A 207 -10.00 -24.69 -4.40
CA ALA A 207 -10.03 -25.18 -3.02
C ALA A 207 -9.00 -26.27 -2.82
N LEU A 208 -9.23 -27.44 -3.41
CA LEU A 208 -8.36 -28.59 -3.23
C LEU A 208 -6.96 -28.37 -3.79
N GLY A 209 -6.68 -27.34 -4.59
CA GLY A 209 -5.32 -27.04 -4.96
C GLY A 209 -4.94 -25.64 -4.52
N ALA A 210 -5.94 -24.81 -4.25
CA ALA A 210 -5.67 -23.50 -3.66
C ALA A 210 -5.01 -23.68 -2.30
N VAL A 211 -5.57 -24.58 -1.49
CA VAL A 211 -5.02 -24.87 -0.16
C VAL A 211 -3.63 -25.47 -0.32
N GLY A 212 -3.45 -26.34 -1.32
CA GLY A 212 -2.15 -26.95 -1.56
C GLY A 212 -1.07 -25.96 -1.93
N ILE A 213 -1.36 -25.06 -2.87
CA ILE A 213 -0.38 -24.06 -3.26
C ILE A 213 -0.13 -23.07 -2.13
N GLY A 214 -1.16 -22.77 -1.35
CA GLY A 214 -0.97 -21.93 -0.17
C GLY A 214 -0.06 -22.57 0.85
N LEU A 215 -0.23 -23.87 1.07
CA LEU A 215 0.66 -24.59 1.98
C LEU A 215 2.08 -24.64 1.43
N ALA A 216 2.24 -24.81 0.11
CA ALA A 216 3.57 -24.79 -0.46
C ALA A 216 4.25 -23.44 -0.26
N PHE A 217 3.53 -22.36 -0.54
CA PHE A 217 4.10 -21.04 -0.31
C PHE A 217 4.37 -20.81 1.17
N GLY A 218 3.51 -21.34 2.03
CA GLY A 218 3.72 -21.17 3.47
C GLY A 218 4.96 -21.89 3.97
N ILE A 219 5.17 -23.13 3.53
CA ILE A 219 6.35 -23.86 3.96
C ILE A 219 7.61 -23.21 3.38
N ALA A 220 7.54 -22.74 2.14
CA ALA A 220 8.70 -22.04 1.57
C ALA A 220 9.01 -20.77 2.35
N SER A 221 7.99 -19.99 2.68
CA SER A 221 8.19 -18.75 3.42
C SER A 221 8.68 -19.00 4.83
N VAL A 222 8.18 -20.03 5.50
CA VAL A 222 8.67 -20.35 6.84
C VAL A 222 10.11 -20.84 6.81
N ILE A 223 10.49 -21.65 5.81
CA ILE A 223 11.89 -22.04 5.68
C ILE A 223 12.76 -20.80 5.47
N TRP A 224 12.33 -19.90 4.60
CA TRP A 224 13.08 -18.68 4.36
C TRP A 224 13.20 -17.83 5.62
N LEU A 225 12.10 -17.67 6.35
CA LEU A 225 12.11 -16.90 7.59
C LEU A 225 13.02 -17.50 8.64
N LYS A 226 13.04 -18.83 8.75
CA LYS A 226 14.01 -19.48 9.62
C LYS A 226 15.43 -19.19 9.17
N PHE A 227 15.66 -19.20 7.85
CA PHE A 227 16.98 -18.81 7.33
C PHE A 227 17.26 -17.34 7.57
N ILE A 228 16.24 -16.49 7.43
CA ILE A 228 16.44 -15.05 7.61
C ILE A 228 16.76 -14.75 9.06
N PHE A 229 17.81 -13.96 9.27
CA PHE A 229 18.25 -13.59 10.61
C PHE A 229 17.43 -12.42 11.14
N ASN A 230 17.89 -11.80 12.23
CA ASN A 230 17.10 -10.79 12.93
C ASN A 230 16.95 -9.48 12.15
N ASP A 231 15.84 -9.37 11.43
CA ASP A 231 15.50 -8.15 10.71
C ASP A 231 13.99 -8.08 10.52
N THR A 232 13.33 -7.27 11.35
CA THR A 232 11.86 -7.27 11.37
C THR A 232 11.28 -6.79 10.05
N VAL A 233 11.83 -5.72 9.48
CA VAL A 233 11.28 -5.14 8.27
C VAL A 233 11.41 -6.04 7.07
N ILE A 234 12.35 -7.00 7.11
CA ILE A 234 12.39 -8.01 6.07
C ILE A 234 11.19 -8.95 6.20
N GLU A 235 10.91 -9.40 7.43
CA GLU A 235 9.83 -10.36 7.63
C GLU A 235 8.45 -9.74 7.34
N ILE A 236 8.24 -8.51 7.81
CA ILE A 236 6.93 -7.88 7.61
C ILE A 236 6.63 -7.73 6.12
N THR A 237 7.61 -7.28 5.35
CA THR A 237 7.42 -7.15 3.91
C THR A 237 7.45 -8.49 3.20
N LEU A 238 8.05 -9.52 3.79
CA LEU A 238 7.98 -10.84 3.17
C LEU A 238 6.59 -11.44 3.33
N THR A 239 5.88 -11.11 4.42
CA THR A 239 4.49 -11.52 4.51
C THR A 239 3.67 -10.95 3.36
N ILE A 240 3.88 -9.68 3.02
CA ILE A 240 3.23 -9.08 1.87
C ILE A 240 3.67 -9.76 0.58
N ALA A 241 4.98 -9.94 0.42
CA ALA A 241 5.53 -10.50 -0.81
C ALA A 241 5.14 -11.96 -1.02
N VAL A 242 4.68 -12.66 0.01
CA VAL A 242 4.18 -14.01 -0.15
C VAL A 242 2.67 -14.03 -0.29
N SER A 243 1.93 -13.24 0.49
CA SER A 243 0.47 -13.26 0.39
C SER A 243 0.00 -12.70 -0.94
N TYR A 244 0.42 -11.48 -1.28
CA TYR A 244 -0.06 -10.83 -2.49
C TYR A 244 0.49 -11.49 -3.75
N PHE A 245 1.55 -12.29 -3.62
CA PHE A 245 2.12 -13.01 -4.74
C PHE A 245 1.50 -14.40 -4.89
N ALA A 246 1.24 -15.10 -3.79
CA ALA A 246 0.56 -16.38 -3.85
C ALA A 246 -0.87 -16.22 -4.33
N TYR A 247 -1.52 -15.12 -3.94
CA TYR A 247 -2.85 -14.84 -4.47
C TYR A 247 -2.81 -14.78 -5.99
N TYR A 248 -1.83 -14.08 -6.55
CA TYR A 248 -1.72 -13.97 -8.00
C TYR A 248 -1.37 -15.32 -8.63
N THR A 249 -0.41 -16.04 -8.06
CA THR A 249 -0.03 -17.33 -8.63
C THR A 249 -1.17 -18.34 -8.56
N ALA A 250 -2.13 -18.14 -7.66
CA ALA A 250 -3.28 -19.02 -7.57
C ALA A 250 -4.38 -18.61 -8.55
N GLN A 251 -4.88 -17.38 -8.44
CA GLN A 251 -6.02 -17.00 -9.27
C GLN A 251 -5.62 -16.86 -10.74
N GLU A 252 -4.44 -16.33 -11.01
CA GLU A 252 -4.05 -16.02 -12.37
C GLU A 252 -3.31 -17.19 -13.05
N TRP A 253 -2.36 -17.79 -12.36
CA TRP A 253 -1.55 -18.86 -12.94
C TRP A 253 -2.11 -20.25 -12.67
N ALA A 254 -3.20 -20.37 -11.92
CA ALA A 254 -3.81 -21.67 -11.68
C ALA A 254 -5.33 -21.67 -11.79
N GLY A 255 -5.95 -20.52 -12.02
CA GLY A 255 -7.40 -20.47 -12.18
C GLY A 255 -8.17 -20.83 -10.93
N ALA A 256 -7.51 -20.89 -9.78
CA ALA A 256 -8.16 -21.27 -8.54
C ALA A 256 -8.78 -20.03 -7.89
N SER A 257 -9.18 -20.17 -6.63
CA SER A 257 -9.63 -19.05 -5.81
C SER A 257 -8.45 -18.69 -4.91
N GLY A 258 -7.72 -17.65 -5.27
CA GLY A 258 -6.55 -17.26 -4.50
C GLY A 258 -6.88 -16.78 -3.10
N VAL A 259 -8.14 -16.43 -2.84
CA VAL A 259 -8.53 -16.05 -1.49
C VAL A 259 -8.30 -17.21 -0.54
N LEU A 260 -8.58 -18.43 -0.98
CA LEU A 260 -8.24 -19.60 -0.19
C LEU A 260 -6.75 -19.73 0.02
N THR A 261 -5.96 -19.36 -0.99
CA THR A 261 -4.50 -19.37 -0.83
C THR A 261 -4.05 -18.41 0.26
N VAL A 262 -4.54 -17.16 0.23
CA VAL A 262 -4.14 -16.19 1.24
C VAL A 262 -4.69 -16.54 2.62
N MET A 263 -5.82 -17.23 2.70
CA MET A 263 -6.33 -17.67 3.99
C MET A 263 -5.57 -18.86 4.55
N THR A 264 -5.18 -19.82 3.71
CA THR A 264 -4.40 -20.94 4.22
C THR A 264 -2.97 -20.51 4.55
N LEU A 265 -2.46 -19.47 3.90
CA LEU A 265 -1.19 -18.90 4.35
C LEU A 265 -1.31 -18.36 5.77
N GLY A 266 -2.39 -17.64 6.06
CA GLY A 266 -2.61 -17.19 7.42
C GLY A 266 -2.81 -18.34 8.37
N MET A 267 -3.50 -19.40 7.92
CA MET A 267 -3.68 -20.59 8.74
C MET A 267 -2.34 -21.15 9.16
N PHE A 268 -1.45 -21.38 8.20
CA PHE A 268 -0.14 -21.94 8.49
C PHE A 268 0.67 -21.01 9.37
N TYR A 269 0.64 -19.71 9.09
CA TYR A 269 1.42 -18.78 9.89
C TYR A 269 0.97 -18.80 11.35
N ALA A 270 -0.35 -18.65 11.58
CA ALA A 270 -0.85 -18.70 12.94
C ALA A 270 -0.61 -20.05 13.60
N ALA A 271 -0.54 -21.13 12.82
CA ALA A 271 -0.21 -22.42 13.38
C ALA A 271 1.24 -22.48 13.83
N PHE A 272 2.14 -21.85 13.08
CA PHE A 272 3.58 -21.93 13.34
C PHE A 272 4.24 -20.56 13.35
N ALA A 273 3.65 -19.60 14.07
CA ALA A 273 4.31 -18.32 14.28
C ALA A 273 5.12 -18.32 15.57
N ARG A 274 5.93 -19.37 15.75
CA ARG A 274 6.82 -19.46 16.88
C ARG A 274 8.21 -20.01 16.53
N THR A 275 8.39 -20.62 15.37
CA THR A 275 9.66 -21.21 15.00
C THR A 275 10.52 -20.27 14.16
N ALA A 276 9.91 -19.37 13.40
CA ALA A 276 10.62 -18.41 12.57
C ALA A 276 10.47 -16.98 13.05
N PHE A 277 9.23 -16.54 13.26
CA PHE A 277 8.99 -15.20 13.77
C PHE A 277 9.48 -15.09 15.22
N LYS A 278 10.17 -14.00 15.52
CA LYS A 278 10.69 -13.75 16.85
C LYS A 278 9.72 -12.88 17.64
N GLY A 279 9.99 -12.77 18.95
CA GLY A 279 9.17 -11.93 19.81
C GLY A 279 9.21 -10.46 19.44
N ASP A 280 10.24 -10.04 18.72
CA ASP A 280 10.31 -8.65 18.27
C ASP A 280 9.36 -8.40 17.10
N SER A 281 8.89 -9.47 16.44
CA SER A 281 8.03 -9.34 15.27
C SER A 281 6.57 -9.64 15.56
N GLN A 282 6.25 -10.37 16.62
CA GLN A 282 4.85 -10.67 16.92
C GLN A 282 4.07 -9.41 17.27
N LYS A 283 4.66 -8.51 18.05
CA LYS A 283 3.99 -7.29 18.47
C LYS A 283 3.87 -6.27 17.34
N SER A 284 4.69 -6.38 16.29
CA SER A 284 4.66 -5.44 15.19
C SER A 284 3.86 -5.94 13.99
N LEU A 285 3.95 -7.23 13.68
CA LEU A 285 3.26 -7.75 12.51
C LEU A 285 1.75 -7.86 12.76
N HIS A 286 1.36 -8.26 13.97
CA HIS A 286 -0.04 -8.26 14.36
C HIS A 286 -0.62 -6.87 14.51
N HIS A 287 0.23 -5.84 14.56
CA HIS A 287 -0.24 -4.46 14.49
C HIS A 287 -0.27 -3.93 13.08
N PHE A 288 0.61 -4.40 12.21
CA PHE A 288 0.62 -3.98 10.83
C PHE A 288 -0.54 -4.58 10.05
N TRP A 289 -0.80 -5.87 10.22
CA TRP A 289 -1.83 -6.52 9.42
C TRP A 289 -3.23 -6.13 9.86
N GLU A 290 -3.44 -5.86 11.15
CA GLU A 290 -4.71 -5.29 11.55
C GLU A 290 -4.95 -3.92 10.93
N MET A 291 -3.92 -3.08 10.83
CA MET A 291 -4.04 -1.81 10.14
C MET A 291 -4.31 -1.99 8.65
N VAL A 292 -3.67 -2.98 8.01
CA VAL A 292 -3.94 -3.25 6.60
C VAL A 292 -5.39 -3.67 6.40
N ALA A 293 -5.87 -4.57 7.27
CA ALA A 293 -7.27 -5.00 7.18
C ALA A 293 -8.21 -3.84 7.47
N TYR A 294 -7.84 -2.95 8.38
CA TYR A 294 -8.66 -1.78 8.65
C TYR A 294 -8.75 -0.88 7.42
N ILE A 295 -7.62 -0.65 6.75
CA ILE A 295 -7.62 0.17 5.54
C ILE A 295 -8.47 -0.48 4.45
N ALA A 296 -8.30 -1.78 4.25
CA ALA A 296 -9.07 -2.49 3.24
C ALA A 296 -10.56 -2.46 3.56
N ASN A 297 -10.92 -2.64 4.83
CA ASN A 297 -12.32 -2.58 5.24
C ASN A 297 -12.91 -1.20 4.98
N THR A 298 -12.18 -0.15 5.35
CA THR A 298 -12.67 1.21 5.09
C THR A 298 -12.88 1.45 3.61
N LEU A 299 -11.87 1.12 2.80
CA LEU A 299 -11.97 1.36 1.36
C LEU A 299 -13.09 0.54 0.74
N ILE A 300 -13.24 -0.72 1.14
CA ILE A 300 -14.33 -1.55 0.64
C ILE A 300 -15.70 -1.04 1.05
N PHE A 301 -15.86 -0.56 2.28
CA PHE A 301 -17.16 -0.11 2.73
C PHE A 301 -17.52 1.28 2.22
N ILE A 302 -16.57 2.07 1.76
CA ILE A 302 -16.88 3.36 1.15
C ILE A 302 -17.00 3.26 -0.36
N LEU A 303 -16.10 2.51 -1.01
CA LEU A 303 -16.19 2.32 -2.45
C LEU A 303 -17.42 1.50 -2.81
N SER A 304 -17.87 0.64 -1.90
CA SER A 304 -19.12 -0.09 -2.10
C SER A 304 -20.34 0.79 -1.93
N GLY A 305 -20.21 1.97 -1.33
CA GLY A 305 -21.32 2.90 -1.33
C GLY A 305 -21.28 3.73 -2.59
N VAL A 306 -20.06 4.07 -3.00
CA VAL A 306 -19.87 4.82 -4.25
C VAL A 306 -20.42 4.03 -5.43
N VAL A 307 -20.12 2.72 -5.49
CA VAL A 307 -20.58 1.92 -6.62
C VAL A 307 -22.09 1.68 -6.55
N ILE A 308 -22.66 1.52 -5.36
CA ILE A 308 -24.12 1.49 -5.26
C ILE A 308 -24.72 2.74 -5.87
N ALA A 309 -24.17 3.90 -5.51
CA ALA A 309 -24.71 5.14 -6.07
C ALA A 309 -24.49 5.22 -7.57
N GLU A 310 -23.37 4.72 -8.08
CA GLU A 310 -23.14 4.72 -9.52
C GLU A 310 -24.17 3.87 -10.24
N GLY A 311 -24.48 2.68 -9.69
CA GLY A 311 -25.36 1.76 -10.36
C GLY A 311 -26.83 2.09 -10.23
N ILE A 312 -27.29 2.37 -9.00
CA ILE A 312 -28.70 2.55 -8.77
C ILE A 312 -29.14 4.01 -8.87
N LEU A 313 -28.22 4.96 -8.87
CA LEU A 313 -28.57 6.37 -8.92
C LEU A 313 -28.04 7.05 -10.18
N ASP A 314 -27.99 6.31 -11.30
CA ASP A 314 -27.68 6.94 -12.58
C ASP A 314 -28.73 8.00 -12.92
N SER A 315 -29.98 7.57 -13.05
CA SER A 315 -31.12 8.46 -13.18
C SER A 315 -32.25 7.97 -12.30
N ASP A 316 -31.90 7.53 -11.09
CA ASP A 316 -32.83 6.84 -10.19
C ASP A 316 -33.48 5.65 -10.90
N LYS A 317 -32.66 4.92 -11.66
CA LYS A 317 -33.18 3.82 -12.47
C LYS A 317 -33.71 2.69 -11.59
N ILE A 318 -33.03 2.39 -10.49
CA ILE A 318 -33.44 1.31 -9.61
C ILE A 318 -33.98 1.82 -8.28
N ALA A 319 -33.52 2.98 -7.80
CA ALA A 319 -33.92 3.45 -6.47
C ALA A 319 -35.42 3.71 -6.40
N TYR A 320 -35.99 4.34 -7.43
CA TYR A 320 -37.41 4.65 -7.38
C TYR A 320 -38.28 3.40 -7.49
N GLN A 321 -37.76 2.34 -8.07
CA GLN A 321 -38.54 1.12 -8.24
C GLN A 321 -38.91 0.53 -6.88
N GLY A 322 -40.19 0.16 -6.74
CA GLY A 322 -40.67 -0.47 -5.53
C GLY A 322 -40.43 -1.95 -5.44
N ASN A 323 -39.83 -2.55 -6.47
CA ASN A 323 -39.53 -3.97 -6.50
C ASN A 323 -38.22 -4.32 -5.80
N SER A 324 -37.51 -3.31 -5.27
CA SER A 324 -36.23 -3.52 -4.62
C SER A 324 -36.23 -3.10 -3.15
N TRP A 325 -36.80 -1.94 -2.84
CA TRP A 325 -36.76 -1.43 -1.46
C TRP A 325 -37.55 -2.31 -0.49
N ARG A 326 -38.69 -2.85 -0.91
CA ARG A 326 -39.48 -3.72 -0.06
C ARG A 326 -39.07 -5.18 -0.16
N PHE A 327 -38.10 -5.51 -1.02
CA PHE A 327 -37.67 -6.89 -1.20
C PHE A 327 -36.34 -7.20 -0.52
N LEU A 328 -35.58 -6.19 -0.11
CA LEU A 328 -34.36 -6.47 0.67
C LEU A 328 -34.73 -6.95 2.07
N PHE A 329 -35.80 -6.43 2.65
CA PHE A 329 -36.29 -6.94 3.93
C PHE A 329 -36.79 -8.37 3.78
N LEU A 330 -37.30 -8.72 2.59
CA LEU A 330 -37.67 -10.09 2.32
C LEU A 330 -36.45 -11.01 2.36
N LEU A 331 -35.35 -10.58 1.75
CA LEU A 331 -34.13 -11.37 1.87
C LEU A 331 -33.57 -11.32 3.27
N TYR A 332 -33.92 -10.30 4.07
CA TYR A 332 -33.49 -10.27 5.46
C TYR A 332 -34.19 -11.35 6.28
N VAL A 333 -35.52 -11.45 6.14
CA VAL A 333 -36.20 -12.54 6.82
C VAL A 333 -35.76 -13.88 6.24
N TYR A 334 -35.42 -13.92 4.96
CA TYR A 334 -34.87 -15.16 4.38
C TYR A 334 -33.54 -15.54 5.03
N ILE A 335 -32.66 -14.57 5.29
CA ILE A 335 -31.37 -14.95 5.88
C ILE A 335 -31.54 -15.35 7.33
N GLN A 336 -32.50 -14.73 8.05
CA GLN A 336 -32.80 -15.24 9.39
C GLN A 336 -33.31 -16.68 9.33
N LEU A 337 -34.22 -16.98 8.41
CA LEU A 337 -34.70 -18.36 8.27
C LEU A 337 -33.57 -19.29 7.89
N SER A 338 -32.66 -18.82 7.04
CA SER A 338 -31.51 -19.64 6.64
C SER A 338 -30.61 -19.94 7.82
N ARG A 339 -30.34 -18.94 8.66
CA ARG A 339 -29.56 -19.17 9.86
C ARG A 339 -30.23 -20.19 10.76
N VAL A 340 -31.56 -20.08 10.89
CA VAL A 340 -32.31 -21.02 11.73
C VAL A 340 -32.19 -22.44 11.19
N VAL A 341 -32.35 -22.61 9.88
CA VAL A 341 -32.37 -23.95 9.29
C VAL A 341 -30.95 -24.47 9.13
N VAL A 342 -29.96 -23.60 9.31
CA VAL A 342 -28.57 -24.04 9.35
C VAL A 342 -28.18 -24.53 10.73
N VAL A 343 -28.58 -23.82 11.78
CA VAL A 343 -28.31 -24.31 13.13
C VAL A 343 -29.12 -25.54 13.47
N GLY A 344 -30.39 -25.59 13.05
CA GLY A 344 -31.26 -26.69 13.40
C GLY A 344 -30.91 -28.05 12.81
N VAL A 345 -30.58 -28.09 11.52
CA VAL A 345 -30.34 -29.35 10.84
C VAL A 345 -28.96 -29.86 11.20
N LEU A 346 -28.13 -29.00 11.80
CA LEU A 346 -26.79 -29.40 12.22
C LEU A 346 -26.66 -29.62 13.72
N TYR A 347 -27.60 -29.15 14.54
CA TYR A 347 -27.51 -29.32 16.00
C TYR A 347 -27.30 -30.76 16.45
N PRO A 348 -27.95 -31.79 15.85
CA PRO A 348 -27.61 -33.17 16.20
C PRO A 348 -26.12 -33.46 16.23
N LEU A 349 -25.41 -33.10 15.17
CA LEU A 349 -23.96 -33.32 15.10
C LEU A 349 -23.18 -32.13 15.64
N LEU A 350 -23.85 -31.10 16.13
CA LEU A 350 -23.16 -29.91 16.62
C LEU A 350 -22.97 -30.01 18.12
N CYS A 351 -24.03 -30.34 18.86
CA CYS A 351 -23.94 -30.44 20.31
C CYS A 351 -23.15 -31.66 20.74
N ARG A 352 -23.03 -32.68 19.88
CA ARG A 352 -22.30 -33.90 20.19
C ARG A 352 -20.86 -33.88 19.66
N PHE A 353 -20.44 -32.76 19.11
CA PHE A 353 -19.08 -32.63 18.59
C PHE A 353 -18.43 -31.39 19.19
N GLY A 354 -17.12 -31.47 19.38
CA GLY A 354 -16.35 -30.34 19.88
C GLY A 354 -16.69 -29.96 21.31
N TYR A 355 -17.35 -28.81 21.48
CA TYR A 355 -17.69 -28.30 22.80
C TYR A 355 -19.18 -28.38 23.09
N GLY A 356 -20.00 -28.72 22.09
CA GLY A 356 -21.42 -28.74 22.35
C GLY A 356 -22.01 -27.35 22.21
N LEU A 357 -23.32 -27.26 22.48
CA LEU A 357 -24.02 -26.00 22.31
C LEU A 357 -25.27 -25.96 23.19
N ASP A 358 -25.32 -25.00 24.11
CA ASP A 358 -26.44 -24.87 25.03
C ASP A 358 -27.55 -24.10 24.30
N TRP A 359 -28.73 -23.95 24.92
CA TRP A 359 -29.81 -23.24 24.23
C TRP A 359 -29.48 -21.75 24.11
N LYS A 360 -28.96 -21.16 25.18
CA LYS A 360 -28.52 -19.76 25.12
C LYS A 360 -27.38 -19.61 24.12
N GLU A 361 -26.44 -20.55 24.12
CA GLU A 361 -25.35 -20.51 23.16
C GLU A 361 -25.87 -20.60 21.74
N SER A 362 -26.85 -21.46 21.51
CA SER A 362 -27.43 -21.59 20.17
C SER A 362 -28.13 -20.31 19.75
N ILE A 363 -28.93 -19.72 20.64
CA ILE A 363 -29.66 -18.50 20.29
C ILE A 363 -28.75 -17.29 20.21
N ILE A 364 -27.55 -17.37 20.76
CA ILE A 364 -26.55 -16.32 20.56
C ILE A 364 -25.79 -16.53 19.25
N LEU A 365 -25.52 -17.78 18.87
CA LEU A 365 -24.90 -18.04 17.57
C LEU A 365 -25.79 -17.54 16.45
N VAL A 366 -27.09 -17.83 16.52
CA VAL A 366 -28.05 -17.12 15.68
C VAL A 366 -28.12 -15.68 16.14
N TRP A 367 -28.43 -14.77 15.19
CA TRP A 367 -28.34 -13.34 15.40
C TRP A 367 -26.89 -12.88 15.60
N SER A 368 -25.93 -13.79 15.39
CA SER A 368 -24.52 -13.40 15.25
C SER A 368 -24.02 -14.09 13.98
N GLY A 369 -24.31 -13.47 12.84
CA GLY A 369 -23.92 -13.96 11.54
C GLY A 369 -23.53 -12.78 10.67
N LEU A 370 -22.96 -11.76 11.31
CA LEU A 370 -22.79 -10.43 10.74
C LEU A 370 -22.24 -10.44 9.33
N ARG A 371 -23.03 -9.97 8.38
CA ARG A 371 -22.53 -9.76 7.02
C ARG A 371 -21.62 -8.55 6.99
N GLY A 372 -20.60 -8.61 6.16
CA GLY A 372 -19.58 -7.58 6.17
C GLY A 372 -18.91 -7.37 4.83
N ALA A 373 -17.59 -7.15 4.89
CA ALA A 373 -16.86 -6.66 3.73
C ALA A 373 -16.72 -7.71 2.64
N VAL A 374 -16.76 -9.00 2.99
CA VAL A 374 -16.57 -10.02 1.96
C VAL A 374 -17.77 -10.10 1.02
N ALA A 375 -18.99 -10.06 1.56
CA ALA A 375 -20.17 -10.07 0.70
C ALA A 375 -20.21 -8.83 -0.17
N LEU A 376 -19.89 -7.66 0.39
CA LEU A 376 -19.84 -6.44 -0.41
C LEU A 376 -18.77 -6.51 -1.48
N ALA A 377 -17.59 -7.05 -1.14
CA ALA A 377 -16.52 -7.16 -2.12
C ALA A 377 -16.92 -8.07 -3.26
N LEU A 378 -17.60 -9.19 -2.97
CA LEU A 378 -18.05 -10.06 -4.04
C LEU A 378 -19.14 -9.41 -4.87
N SER A 379 -20.04 -8.67 -4.24
CA SER A 379 -21.08 -7.96 -4.99
C SER A 379 -20.45 -6.92 -5.92
N LEU A 380 -19.41 -6.23 -5.45
CA LEU A 380 -18.67 -5.33 -6.31
C LEU A 380 -17.95 -6.07 -7.43
N SER A 381 -17.36 -7.22 -7.14
CA SER A 381 -16.71 -8.03 -8.16
C SER A 381 -17.68 -8.50 -9.23
N VAL A 382 -18.96 -8.64 -8.90
CA VAL A 382 -19.96 -8.95 -9.92
C VAL A 382 -20.49 -7.72 -10.64
N LYS A 383 -20.84 -6.65 -9.91
CA LYS A 383 -21.37 -5.45 -10.53
C LYS A 383 -20.36 -4.80 -11.47
N GLN A 384 -19.11 -4.72 -11.04
CA GLN A 384 -18.05 -4.16 -11.88
C GLN A 384 -17.75 -5.04 -13.07
N SER A 385 -18.17 -6.30 -13.05
CA SER A 385 -18.00 -7.22 -14.17
C SER A 385 -19.31 -7.51 -14.87
N SER A 386 -20.27 -6.59 -14.76
CA SER A 386 -21.58 -6.75 -15.37
C SER A 386 -21.55 -6.23 -16.81
N GLY A 387 -22.72 -6.10 -17.43
CA GLY A 387 -22.84 -5.64 -18.78
C GLY A 387 -22.81 -6.71 -19.84
N ASN A 388 -22.56 -7.97 -19.46
CA ASN A 388 -22.51 -9.06 -20.41
C ASN A 388 -23.93 -9.47 -20.82
N SER A 389 -24.00 -10.48 -21.70
CA SER A 389 -25.31 -10.96 -22.16
C SER A 389 -26.08 -11.62 -21.03
N HIS A 390 -25.42 -12.51 -20.27
CA HIS A 390 -26.09 -13.21 -19.18
C HIS A 390 -26.13 -12.36 -17.92
N ILE A 391 -24.96 -11.98 -17.40
CA ILE A 391 -24.89 -11.04 -16.28
C ILE A 391 -25.00 -9.63 -16.85
N SER A 392 -26.08 -8.94 -16.52
CA SER A 392 -26.41 -7.66 -17.12
C SER A 392 -26.48 -6.56 -16.06
N LYS A 393 -26.77 -5.35 -16.51
CA LYS A 393 -26.86 -4.21 -15.62
C LYS A 393 -27.99 -4.33 -14.62
N GLU A 394 -29.05 -5.07 -14.97
CA GLU A 394 -30.19 -5.26 -14.08
C GLU A 394 -29.95 -6.36 -13.04
N THR A 395 -28.84 -7.08 -13.14
CA THR A 395 -28.52 -8.15 -12.22
C THR A 395 -27.25 -7.89 -11.42
N GLY A 396 -26.18 -7.47 -12.07
CA GLY A 396 -24.96 -7.14 -11.35
C GLY A 396 -25.17 -5.98 -10.40
N THR A 397 -25.98 -4.99 -10.80
CA THR A 397 -26.29 -3.88 -9.91
C THR A 397 -27.26 -4.31 -8.81
N LEU A 398 -28.16 -5.25 -9.11
CA LEU A 398 -29.10 -5.71 -8.10
C LEU A 398 -28.40 -6.51 -7.01
N PHE A 399 -27.39 -7.31 -7.37
CA PHE A 399 -26.56 -7.92 -6.33
C PHE A 399 -26.05 -6.89 -5.35
N LEU A 400 -25.49 -5.80 -5.87
CA LEU A 400 -24.90 -4.81 -4.99
C LEU A 400 -25.96 -4.04 -4.21
N PHE A 401 -27.10 -3.74 -4.82
CA PHE A 401 -28.15 -3.07 -4.07
C PHE A 401 -28.65 -3.94 -2.93
N PHE A 402 -28.81 -5.23 -3.18
CA PHE A 402 -29.26 -6.13 -2.11
C PHE A 402 -28.22 -6.23 -1.01
N THR A 403 -26.96 -6.49 -1.37
CA THR A 403 -25.92 -6.68 -0.37
C THR A 403 -25.59 -5.42 0.39
N GLY A 404 -25.55 -4.26 -0.27
CA GLY A 404 -25.24 -3.01 0.40
C GLY A 404 -26.35 -2.47 1.27
N GLY A 405 -27.49 -3.16 1.31
CA GLY A 405 -28.53 -2.84 2.28
C GLY A 405 -28.59 -3.90 3.34
N ILE A 406 -28.37 -5.16 2.95
CA ILE A 406 -28.41 -6.27 3.90
C ILE A 406 -27.21 -6.27 4.83
N VAL A 407 -26.01 -5.95 4.35
CA VAL A 407 -24.86 -5.79 5.23
C VAL A 407 -25.04 -4.60 6.18
N PHE A 408 -25.68 -3.53 5.74
CA PHE A 408 -26.05 -2.45 6.65
C PHE A 408 -27.01 -2.93 7.73
N LEU A 409 -28.09 -3.60 7.33
CA LEU A 409 -29.09 -4.06 8.27
C LEU A 409 -28.53 -5.07 9.26
N THR A 410 -27.78 -6.05 8.78
CA THR A 410 -27.18 -7.04 9.66
C THR A 410 -26.20 -6.39 10.63
N LEU A 411 -25.43 -5.42 10.17
CA LEU A 411 -24.43 -4.80 11.01
C LEU A 411 -25.02 -3.79 11.99
N ILE A 412 -26.24 -3.29 11.76
CA ILE A 412 -26.87 -2.34 12.67
C ILE A 412 -27.95 -2.99 13.54
N VAL A 413 -29.02 -3.52 12.93
CA VAL A 413 -30.14 -4.04 13.71
C VAL A 413 -29.77 -5.37 14.33
N ASN A 414 -29.20 -6.27 13.54
CA ASN A 414 -28.80 -7.59 14.04
C ASN A 414 -27.68 -7.50 15.07
N GLY A 415 -26.95 -6.39 15.12
CA GLY A 415 -25.95 -6.18 16.16
C GLY A 415 -26.56 -5.60 17.42
N SER A 416 -27.40 -4.58 17.27
CA SER A 416 -28.05 -3.98 18.43
C SER A 416 -28.93 -4.99 19.15
N THR A 417 -29.73 -5.76 18.40
CA THR A 417 -30.60 -6.74 19.04
C THR A 417 -29.80 -7.89 19.63
N THR A 418 -28.66 -8.25 19.02
CA THR A 418 -27.81 -9.26 19.62
C THR A 418 -27.25 -8.79 20.96
N GLN A 419 -26.82 -7.53 21.02
CA GLN A 419 -26.37 -6.97 22.30
C GLN A 419 -27.50 -6.99 23.32
N PHE A 420 -28.71 -6.59 22.90
CA PHE A 420 -29.83 -6.55 23.83
C PHE A 420 -30.17 -7.93 24.36
N VAL A 421 -30.24 -8.93 23.47
CA VAL A 421 -30.60 -10.28 23.91
C VAL A 421 -29.49 -10.89 24.74
N LEU A 422 -28.23 -10.51 24.49
CA LEU A 422 -27.15 -10.93 25.37
C LEU A 422 -27.34 -10.35 26.76
N ARG A 423 -27.75 -9.08 26.84
CA ARG A 423 -27.97 -8.46 28.15
C ARG A 423 -29.13 -9.13 28.89
N LEU A 424 -30.24 -9.37 28.19
CA LEU A 424 -31.38 -10.04 28.82
C LEU A 424 -31.04 -11.48 29.19
N LEU A 425 -30.52 -12.25 28.24
CA LEU A 425 -30.19 -13.65 28.48
C LEU A 425 -28.87 -13.70 29.22
N ARG A 426 -28.96 -13.76 30.55
CA ARG A 426 -27.79 -13.77 31.41
C ARG A 426 -26.92 -14.98 31.13
N MET A 427 -25.62 -14.75 31.02
CA MET A 427 -24.66 -15.83 30.78
C MET A 427 -23.32 -15.43 31.39
N GLU B 4 -4.79 -9.38 -21.73
CA GLU B 4 -3.83 -8.46 -22.33
C GLU B 4 -3.65 -7.22 -21.48
N SER B 5 -2.46 -7.10 -20.87
CA SER B 5 -2.13 -5.98 -20.00
C SER B 5 -3.17 -5.81 -18.89
N SER B 6 -3.56 -6.93 -18.31
CA SER B 6 -4.58 -6.91 -17.26
C SER B 6 -4.04 -6.14 -16.04
N PRO B 7 -4.85 -5.27 -15.43
CA PRO B 7 -4.35 -4.47 -14.31
C PRO B 7 -3.88 -5.29 -13.13
N VAL B 8 -4.46 -6.47 -12.89
CA VAL B 8 -4.03 -7.31 -11.78
C VAL B 8 -2.57 -7.70 -11.92
N ASP B 9 -2.04 -7.72 -13.15
CA ASP B 9 -0.63 -8.02 -13.35
C ASP B 9 0.28 -7.04 -12.62
N ALA B 10 -0.20 -5.83 -12.33
CA ALA B 10 0.58 -4.89 -11.54
C ALA B 10 0.96 -5.50 -10.20
N VAL B 11 0.03 -6.21 -9.57
CA VAL B 11 0.33 -6.86 -8.30
C VAL B 11 1.50 -7.82 -8.44
N LEU B 12 1.62 -8.45 -9.61
CA LEU B 12 2.79 -9.30 -9.88
C LEU B 12 4.07 -8.54 -9.60
N PHE B 13 4.19 -7.32 -10.14
CA PHE B 13 5.37 -6.51 -9.88
C PHE B 13 5.53 -6.25 -8.40
N VAL B 14 4.44 -5.89 -7.71
CA VAL B 14 4.50 -5.72 -6.27
C VAL B 14 4.88 -7.05 -5.61
N GLY B 15 4.40 -8.16 -6.14
CA GLY B 15 4.82 -9.45 -5.63
C GLY B 15 6.19 -9.89 -6.08
N MET B 16 6.74 -9.26 -7.13
CA MET B 16 8.02 -9.70 -7.68
C MET B 16 9.18 -8.92 -7.06
N SER B 17 9.19 -7.60 -7.24
CA SER B 17 10.24 -6.77 -6.66
C SER B 17 10.36 -7.03 -5.17
N LEU B 18 9.23 -7.03 -4.46
CA LEU B 18 9.25 -7.21 -3.01
C LEU B 18 9.84 -8.54 -2.58
N VAL B 19 9.91 -9.54 -3.46
CA VAL B 19 10.68 -10.73 -3.09
C VAL B 19 12.11 -10.63 -3.60
N LEU B 20 12.29 -10.07 -4.81
CA LEU B 20 13.63 -9.94 -5.37
C LEU B 20 14.51 -9.11 -4.45
N GLY B 21 14.02 -7.96 -4.01
CA GLY B 21 14.77 -7.17 -3.03
C GLY B 21 15.07 -7.97 -1.77
N ILE B 22 14.09 -8.72 -1.29
CA ILE B 22 14.33 -9.56 -0.11
C ILE B 22 15.43 -10.55 -0.38
N ALA B 23 15.54 -11.05 -1.61
CA ALA B 23 16.69 -11.87 -1.96
C ALA B 23 17.98 -11.08 -1.79
N SER B 24 18.05 -9.91 -2.42
CA SER B 24 19.30 -9.14 -2.40
C SER B 24 19.69 -8.78 -0.98
N ARG B 25 18.75 -8.20 -0.22
CA ARG B 25 19.04 -7.84 1.17
C ARG B 25 19.48 -9.05 1.97
N HIS B 26 18.99 -10.24 1.63
CA HIS B 26 19.46 -11.43 2.31
C HIS B 26 20.87 -11.81 1.85
N LEU B 27 21.11 -11.77 0.55
CA LEU B 27 22.41 -12.20 0.04
C LEU B 27 23.46 -11.12 0.26
N LEU B 28 23.10 -9.87 0.04
CA LEU B 28 24.04 -8.76 0.18
C LEU B 28 23.90 -8.12 1.56
N ARG B 29 24.10 -8.94 2.58
CA ARG B 29 23.92 -8.47 3.96
C ARG B 29 25.21 -7.90 4.52
N GLY B 30 26.26 -8.70 4.58
CA GLY B 30 27.56 -8.28 5.07
C GLY B 30 28.53 -7.81 4.01
N THR B 31 28.11 -7.77 2.75
CA THR B 31 28.97 -7.30 1.67
C THR B 31 28.97 -5.78 1.63
N ARG B 32 30.07 -5.21 1.14
CA ARG B 32 30.23 -3.77 1.11
C ARG B 32 29.16 -3.11 0.24
N VAL B 33 28.89 -3.68 -0.94
CA VAL B 33 27.92 -3.07 -1.86
C VAL B 33 26.51 -3.28 -1.32
N PRO B 34 25.67 -2.25 -1.29
CA PRO B 34 24.31 -2.42 -0.75
C PRO B 34 23.41 -3.23 -1.67
N TYR B 35 22.17 -3.46 -1.24
CA TYR B 35 21.21 -4.19 -2.05
C TYR B 35 20.62 -3.35 -3.17
N THR B 36 20.73 -2.02 -3.07
CA THR B 36 20.16 -1.16 -4.11
C THR B 36 20.87 -1.35 -5.44
N VAL B 37 22.19 -1.59 -5.41
CA VAL B 37 22.91 -1.88 -6.64
C VAL B 37 22.40 -3.16 -7.29
N ALA B 38 22.17 -4.20 -6.48
CA ALA B 38 21.60 -5.43 -7.02
C ALA B 38 20.21 -5.19 -7.60
N LEU B 39 19.39 -4.40 -6.91
CA LEU B 39 18.07 -4.09 -7.45
C LEU B 39 18.17 -3.37 -8.78
N LEU B 40 19.09 -2.41 -8.89
CA LEU B 40 19.23 -1.65 -10.12
C LEU B 40 19.71 -2.54 -11.26
N VAL B 41 20.66 -3.43 -10.99
CA VAL B 41 21.16 -4.29 -12.06
C VAL B 41 20.07 -5.29 -12.49
N ILE B 42 19.28 -5.78 -11.53
CA ILE B 42 18.17 -6.66 -11.88
C ILE B 42 17.13 -5.92 -12.72
N GLY B 43 16.84 -4.68 -12.36
CA GLY B 43 15.91 -3.88 -13.16
C GLY B 43 16.42 -3.64 -14.57
N ILE B 44 17.72 -3.34 -14.69
CA ILE B 44 18.32 -3.18 -16.01
C ILE B 44 18.20 -4.47 -16.81
N ALA B 45 18.46 -5.61 -16.16
CA ALA B 45 18.38 -6.89 -16.86
C ALA B 45 16.97 -7.17 -17.36
N LEU B 46 15.97 -6.95 -16.50
CA LEU B 46 14.59 -7.20 -16.89
C LEU B 46 14.15 -6.27 -18.01
N GLY B 47 14.50 -4.98 -17.91
CA GLY B 47 14.17 -4.06 -18.98
C GLY B 47 14.84 -4.41 -20.29
N SER B 48 16.09 -4.86 -20.23
CA SER B 48 16.79 -5.28 -21.44
C SER B 48 16.14 -6.51 -22.04
N LEU B 49 15.70 -7.44 -21.20
CA LEU B 49 15.02 -8.62 -21.72
C LEU B 49 13.66 -8.32 -22.31
N GLU B 50 12.93 -7.33 -21.80
CA GLU B 50 11.58 -7.10 -22.30
C GLU B 50 11.53 -6.07 -23.43
N TYR B 51 12.41 -5.07 -23.43
CA TYR B 51 12.45 -4.09 -24.51
C TYR B 51 13.67 -4.28 -25.41
N GLY B 52 14.84 -4.49 -24.81
CA GLY B 52 16.06 -4.58 -25.60
C GLY B 52 16.06 -5.77 -26.54
N ALA B 53 15.60 -6.92 -26.07
CA ALA B 53 15.47 -8.11 -26.89
C ALA B 53 14.03 -8.43 -27.28
N LYS B 54 13.06 -7.71 -26.72
CA LYS B 54 11.64 -7.93 -27.00
C LYS B 54 11.24 -9.38 -26.75
N HIS B 55 11.73 -9.94 -25.65
CA HIS B 55 11.38 -11.30 -25.26
C HIS B 55 10.05 -11.28 -24.51
N ASN B 56 9.12 -12.12 -24.94
CA ASN B 56 7.79 -12.17 -24.33
C ASN B 56 7.90 -12.91 -23.01
N LEU B 57 8.07 -12.16 -21.93
CA LEU B 57 8.12 -12.78 -20.60
C LEU B 57 6.77 -13.35 -20.20
N GLY B 58 5.69 -12.69 -20.60
CA GLY B 58 4.35 -13.13 -20.25
C GLY B 58 3.65 -12.18 -19.31
N LYS B 59 3.02 -12.72 -18.28
CA LYS B 59 2.36 -11.87 -17.28
C LYS B 59 3.36 -10.98 -16.56
N ILE B 60 4.62 -11.43 -16.47
CA ILE B 60 5.67 -10.56 -15.93
C ILE B 60 5.87 -9.35 -16.83
N GLY B 61 5.86 -9.56 -18.15
CA GLY B 61 5.93 -8.43 -19.07
C GLY B 61 4.74 -7.50 -18.94
N HIS B 62 3.54 -8.05 -18.74
CA HIS B 62 2.37 -7.21 -18.50
C HIS B 62 2.52 -6.41 -17.21
N GLY B 63 3.09 -7.01 -16.16
CA GLY B 63 3.35 -6.26 -14.95
C GLY B 63 4.34 -5.14 -15.17
N ILE B 64 5.41 -5.41 -15.92
CA ILE B 64 6.41 -4.41 -16.27
C ILE B 64 5.73 -3.25 -16.98
N ARG B 65 4.85 -3.56 -17.92
CA ARG B 65 4.13 -2.55 -18.69
C ARG B 65 3.11 -1.77 -17.88
N ILE B 66 2.43 -2.39 -16.92
CA ILE B 66 1.53 -1.66 -16.04
C ILE B 66 2.30 -0.75 -15.09
N TRP B 67 3.48 -1.17 -14.63
CA TRP B 67 4.35 -0.32 -13.84
C TRP B 67 5.45 0.28 -14.71
N ASN B 68 5.09 0.68 -15.93
CA ASN B 68 5.97 1.48 -16.77
C ASN B 68 5.30 2.73 -17.32
N GLU B 69 3.98 2.79 -17.36
CA GLU B 69 3.26 4.00 -17.70
C GLU B 69 2.95 4.82 -16.45
N ILE B 70 3.65 4.54 -15.35
CA ILE B 70 3.43 5.28 -14.11
C ILE B 70 3.61 6.76 -14.36
N ASP B 71 2.60 7.53 -13.98
CA ASP B 71 2.57 8.94 -14.31
C ASP B 71 3.52 9.72 -13.39
N PRO B 72 4.09 10.83 -13.87
CA PRO B 72 5.05 11.57 -13.05
C PRO B 72 4.57 11.93 -11.64
N GLU B 73 3.49 12.68 -11.50
CA GLU B 73 3.08 13.08 -10.17
C GLU B 73 2.25 12.01 -9.45
N LEU B 74 2.12 10.83 -10.05
CA LEU B 74 1.78 9.63 -9.28
C LEU B 74 3.02 8.85 -8.87
N LEU B 75 4.09 8.94 -9.65
CA LEU B 75 5.39 8.44 -9.19
C LEU B 75 5.86 9.19 -7.96
N LEU B 76 5.68 10.51 -7.93
CA LEU B 76 6.15 11.33 -6.83
C LEU B 76 5.16 11.44 -5.68
N ALA B 77 3.96 10.88 -5.82
CA ALA B 77 2.96 10.95 -4.76
C ALA B 77 2.81 9.65 -3.98
N VAL B 78 3.46 8.58 -4.43
CA VAL B 78 3.39 7.29 -3.76
C VAL B 78 4.71 6.94 -3.09
N PHE B 79 5.83 7.19 -3.77
CA PHE B 79 7.13 6.74 -3.30
C PHE B 79 7.88 7.80 -2.50
N LEU B 80 7.98 9.03 -3.02
CA LEU B 80 8.73 10.07 -2.33
C LEU B 80 8.17 10.38 -0.95
N PRO B 81 6.86 10.55 -0.74
CA PRO B 81 6.37 10.70 0.64
C PRO B 81 6.64 9.50 1.53
N ALA B 82 6.75 8.30 0.96
CA ALA B 82 7.12 7.10 1.69
C ALA B 82 8.62 6.94 1.82
N LEU B 83 9.37 7.29 0.78
CA LEU B 83 10.82 7.20 0.80
C LEU B 83 11.44 8.25 1.73
N LEU B 84 10.73 9.34 2.00
CA LEU B 84 11.24 10.45 2.80
C LEU B 84 10.36 10.74 4.01
N PHE B 85 9.72 9.72 4.56
CA PHE B 85 9.07 9.83 5.87
C PHE B 85 9.70 8.95 6.92
N GLU B 86 10.28 7.81 6.53
CA GLU B 86 11.00 6.98 7.50
C GLU B 86 12.12 7.74 8.16
N SER B 87 12.95 8.43 7.36
CA SER B 87 14.08 9.16 7.90
C SER B 87 13.64 10.42 8.64
N SER B 88 12.67 11.15 8.07
CA SER B 88 12.20 12.37 8.70
C SER B 88 11.55 12.07 10.05
N PHE B 89 10.78 11.00 10.12
CA PHE B 89 10.13 10.62 11.37
C PHE B 89 11.13 10.05 12.37
N SER B 90 12.06 9.23 11.89
CA SER B 90 13.09 8.65 12.75
C SER B 90 14.32 9.56 12.80
N MET B 91 14.09 10.77 13.30
CA MET B 91 15.15 11.76 13.50
C MET B 91 15.29 12.01 14.99
N GLU B 92 16.51 11.85 15.50
CA GLU B 92 16.80 12.22 16.88
C GLU B 92 16.99 13.73 16.95
N VAL B 93 16.11 14.42 17.69
CA VAL B 93 16.19 15.87 17.76
C VAL B 93 17.16 16.35 18.83
N HIS B 94 17.38 15.55 19.87
CA HIS B 94 18.30 15.95 20.94
C HIS B 94 19.72 16.09 20.43
N GLN B 95 20.10 15.31 19.44
CA GLN B 95 21.42 15.37 18.84
C GLN B 95 21.47 16.33 17.66
N ILE B 96 20.31 16.88 17.25
CA ILE B 96 20.23 17.79 16.13
C ILE B 96 20.17 19.25 16.58
N LYS B 97 19.51 19.54 17.70
CA LYS B 97 19.48 20.93 18.15
C LYS B 97 20.86 21.46 18.49
N ARG B 98 21.84 20.56 18.68
CA ARG B 98 23.22 20.96 18.89
C ARG B 98 23.99 21.19 17.59
N CYS B 99 23.36 20.94 16.43
CA CYS B 99 24.04 21.09 15.15
C CYS B 99 23.17 21.73 14.08
N LEU B 100 22.21 22.58 14.44
CA LEU B 100 21.33 23.17 13.45
C LEU B 100 22.10 24.01 12.43
N GLY B 101 23.03 24.84 12.92
CA GLY B 101 23.83 25.64 12.02
C GLY B 101 24.70 24.81 11.10
N GLN B 102 25.31 23.75 11.61
CA GLN B 102 26.12 22.87 10.79
C GLN B 102 25.31 22.12 9.75
N MET B 103 24.07 21.75 10.07
CA MET B 103 23.19 21.13 9.08
C MET B 103 22.75 22.12 8.01
N VAL B 104 22.41 23.35 8.41
CA VAL B 104 22.01 24.35 7.44
C VAL B 104 23.15 24.66 6.48
N LEU B 105 24.33 24.95 7.03
CA LEU B 105 25.51 25.20 6.18
C LEU B 105 26.19 23.89 5.80
N LEU B 106 25.37 22.89 5.49
CA LEU B 106 25.74 21.73 4.68
C LEU B 106 24.63 21.32 3.73
N ALA B 107 23.40 21.79 3.97
CA ALA B 107 22.26 21.50 3.12
C ALA B 107 21.92 22.65 2.19
N VAL B 108 21.63 23.84 2.73
CA VAL B 108 21.11 24.90 1.87
C VAL B 108 22.25 25.48 1.02
N PRO B 109 23.32 26.07 1.59
CA PRO B 109 24.45 26.45 0.73
C PRO B 109 25.26 25.24 0.33
N GLY B 110 24.89 24.08 0.87
CA GLY B 110 25.51 22.84 0.47
C GLY B 110 25.02 22.38 -0.88
N VAL B 111 23.84 22.83 -1.28
CA VAL B 111 23.30 22.50 -2.58
C VAL B 111 23.22 23.70 -3.52
N LEU B 112 23.03 24.92 -2.98
CA LEU B 112 23.03 26.10 -3.84
C LEU B 112 24.38 26.38 -4.47
N ILE B 113 25.44 25.70 -4.03
CA ILE B 113 26.76 25.85 -4.61
C ILE B 113 27.10 24.60 -5.41
N SER B 114 26.71 23.45 -4.88
CA SER B 114 26.97 22.18 -5.54
C SER B 114 26.13 22.01 -6.80
N THR B 115 24.99 22.69 -6.91
CA THR B 115 24.23 22.69 -8.16
C THR B 115 24.96 23.47 -9.24
N ALA B 116 25.43 24.67 -8.91
CA ALA B 116 26.14 25.50 -9.87
C ALA B 116 27.43 24.82 -10.33
N CYS B 117 28.17 24.23 -9.38
CA CYS B 117 29.46 23.65 -9.74
C CYS B 117 29.31 22.49 -10.73
N LEU B 118 28.29 21.64 -10.56
CA LEU B 118 28.02 20.59 -11.53
C LEU B 118 27.40 21.11 -12.82
N GLY B 119 26.48 22.08 -12.74
CA GLY B 119 25.79 22.54 -13.92
C GLY B 119 26.70 23.27 -14.88
N SER B 120 27.61 24.09 -14.34
CA SER B 120 28.52 24.83 -15.21
C SER B 120 29.40 23.88 -16.01
N LEU B 121 29.96 22.87 -15.35
CA LEU B 121 30.88 21.97 -16.05
C LEU B 121 30.16 21.12 -17.09
N VAL B 122 28.97 20.60 -16.75
CA VAL B 122 28.24 19.81 -17.73
C VAL B 122 27.74 20.68 -18.89
N LYS B 123 27.37 21.93 -18.62
CA LYS B 123 26.96 22.83 -19.70
C LYS B 123 28.12 23.12 -20.63
N VAL B 124 29.32 23.35 -20.07
CA VAL B 124 30.45 23.71 -20.91
C VAL B 124 31.14 22.50 -21.51
N THR B 125 30.77 21.28 -21.10
CA THR B 125 31.45 20.10 -21.61
C THR B 125 30.54 19.14 -22.37
N PHE B 126 29.28 18.97 -21.96
CA PHE B 126 28.40 18.03 -22.64
C PHE B 126 28.06 18.52 -24.03
N PRO B 127 28.35 17.75 -25.08
CA PRO B 127 28.03 18.17 -26.45
C PRO B 127 26.63 17.82 -26.93
N TYR B 128 25.72 17.45 -26.03
CA TYR B 128 24.36 17.07 -26.40
C TYR B 128 23.49 18.28 -26.77
N GLU B 129 24.07 19.48 -26.94
CA GLU B 129 23.31 20.69 -27.22
C GLU B 129 22.28 20.95 -26.12
N TRP B 130 22.79 21.15 -24.91
CA TRP B 130 21.98 21.26 -23.71
C TRP B 130 21.89 22.72 -23.28
N ASP B 131 20.67 23.18 -23.02
CA ASP B 131 20.45 24.55 -22.57
C ASP B 131 20.94 24.70 -21.13
N TRP B 132 21.15 25.95 -20.73
CA TRP B 132 21.58 26.22 -19.35
C TRP B 132 20.54 25.76 -18.34
N LYS B 133 19.25 25.99 -18.60
CA LYS B 133 18.23 25.58 -17.65
C LYS B 133 18.21 24.07 -17.49
N THR B 134 18.28 23.32 -18.60
CA THR B 134 18.24 21.87 -18.53
C THR B 134 19.57 21.25 -18.11
N SER B 135 20.63 22.04 -18.02
CA SER B 135 21.88 21.55 -17.42
C SER B 135 21.91 21.80 -15.93
N LEU B 136 21.47 22.99 -15.51
CA LEU B 136 21.32 23.26 -14.09
C LEU B 136 20.25 22.36 -13.47
N LEU B 137 19.28 21.91 -14.27
CA LEU B 137 18.31 20.92 -13.78
C LEU B 137 19.01 19.64 -13.34
N LEU B 138 19.88 19.09 -14.20
CA LEU B 138 20.67 17.92 -13.81
C LEU B 138 21.59 18.23 -12.65
N GLY B 139 22.24 19.39 -12.64
CA GLY B 139 23.09 19.76 -11.52
C GLY B 139 22.36 19.90 -10.20
N GLY B 140 21.08 20.23 -10.23
CA GLY B 140 20.31 20.41 -9.02
C GLY B 140 19.51 19.20 -8.59
N LEU B 141 19.32 18.25 -9.51
CA LEU B 141 18.69 16.99 -9.12
C LEU B 141 19.69 15.90 -8.79
N LEU B 142 20.89 15.95 -9.34
CA LEU B 142 21.89 14.94 -9.06
C LEU B 142 22.66 15.23 -7.77
N SER B 143 22.51 16.42 -7.20
CA SER B 143 23.10 16.75 -5.91
C SER B 143 22.15 16.39 -4.77
N ALA B 144 21.71 15.13 -4.75
CA ALA B 144 20.77 14.64 -3.75
C ALA B 144 21.28 13.31 -3.22
N THR B 145 21.62 13.27 -1.94
CA THR B 145 22.14 12.08 -1.28
C THR B 145 21.06 11.47 -0.38
N ASP B 146 20.78 10.18 -0.58
CA ASP B 146 19.70 9.56 0.17
C ASP B 146 20.10 9.35 1.63
N PRO B 147 19.22 9.64 2.57
CA PRO B 147 19.52 9.33 3.99
C PRO B 147 19.70 7.85 4.25
N VAL B 148 18.97 6.98 3.53
CA VAL B 148 18.95 5.57 3.89
C VAL B 148 20.32 4.92 3.71
N ALA B 149 20.99 5.21 2.61
CA ALA B 149 22.29 4.56 2.35
C ALA B 149 23.36 5.08 3.29
N VAL B 150 23.38 6.40 3.54
CA VAL B 150 24.38 6.95 4.44
C VAL B 150 24.18 6.44 5.86
N VAL B 151 22.93 6.35 6.32
CA VAL B 151 22.71 5.81 7.66
C VAL B 151 23.05 4.33 7.69
N ALA B 152 22.80 3.61 6.59
CA ALA B 152 23.19 2.20 6.54
C ALA B 152 24.68 2.03 6.72
N LEU B 153 25.48 2.87 6.05
CA LEU B 153 26.93 2.77 6.25
C LEU B 153 27.35 3.21 7.64
N LEU B 154 26.82 4.33 8.12
CA LEU B 154 27.29 4.87 9.39
C LEU B 154 26.81 4.07 10.60
N LYS B 155 25.80 3.21 10.44
CA LYS B 155 25.42 2.26 11.48
C LYS B 155 25.86 0.84 11.16
N GLU B 156 26.44 0.59 9.98
CA GLU B 156 26.90 -0.75 9.65
C GLU B 156 28.09 -1.16 10.52
N LEU B 157 29.04 -0.25 10.70
CA LEU B 157 30.25 -0.55 11.46
C LEU B 157 30.60 0.60 12.40
N GLY B 158 31.78 0.54 13.02
CA GLY B 158 32.20 1.56 13.96
C GLY B 158 32.23 2.97 13.39
N ALA B 159 31.66 3.92 14.13
CA ALA B 159 31.61 5.30 13.69
C ALA B 159 31.61 6.19 14.93
N SER B 160 31.28 7.46 14.75
CA SER B 160 31.25 8.44 15.83
C SER B 160 29.82 8.90 16.06
N LYS B 161 29.65 9.77 17.06
CA LYS B 161 28.37 10.41 17.33
C LYS B 161 28.35 11.86 16.86
N LYS B 162 29.51 12.43 16.53
CA LYS B 162 29.60 13.75 15.93
C LYS B 162 29.80 13.71 14.42
N LEU B 163 29.94 12.52 13.84
CA LEU B 163 30.05 12.31 12.41
C LEU B 163 28.83 11.61 11.83
N SER B 164 28.40 10.52 12.48
CA SER B 164 27.22 9.82 12.03
C SER B 164 25.96 10.66 12.17
N THR B 165 26.02 11.77 12.90
CA THR B 165 24.90 12.70 12.92
C THR B 165 25.06 13.81 11.89
N ILE B 166 26.28 14.27 11.61
CA ILE B 166 26.42 15.33 10.62
C ILE B 166 26.11 14.80 9.22
N ILE B 167 26.61 13.62 8.87
CA ILE B 167 26.21 13.05 7.57
C ILE B 167 24.73 12.69 7.56
N GLU B 168 24.17 12.28 8.69
CA GLU B 168 22.76 11.93 8.74
C GLU B 168 21.83 13.14 8.61
N GLY B 169 22.20 14.28 9.16
CA GLY B 169 21.41 15.48 9.02
C GLY B 169 21.76 16.22 7.74
N GLU B 170 22.85 15.79 7.09
CA GLU B 170 23.18 16.33 5.78
C GLU B 170 22.18 15.88 4.74
N SER B 171 22.10 14.57 4.51
CA SER B 171 21.23 14.03 3.46
C SER B 171 19.77 14.38 3.72
N LEU B 172 19.37 14.40 4.99
CA LEU B 172 17.99 14.59 5.37
C LEU B 172 17.45 15.96 4.97
N MET B 173 18.31 16.92 4.64
CA MET B 173 17.88 18.18 4.06
C MET B 173 18.46 18.43 2.67
N ASN B 174 19.51 17.70 2.28
CA ASN B 174 19.91 17.72 0.88
C ASN B 174 18.79 17.22 0.00
N ASP B 175 18.09 16.17 0.42
CA ASP B 175 16.89 15.81 -0.32
C ASP B 175 15.68 16.56 0.19
N GLY B 176 15.83 17.86 0.46
CA GLY B 176 14.71 18.76 0.64
C GLY B 176 15.01 20.09 0.01
N THR B 177 16.28 20.30 -0.30
CA THR B 177 16.70 21.50 -1.02
C THR B 177 17.35 21.14 -2.35
N ALA B 178 17.44 19.86 -2.68
CA ALA B 178 17.65 19.40 -4.05
C ALA B 178 16.34 19.07 -4.72
N ILE B 179 15.23 19.24 -4.01
CA ILE B 179 13.90 19.19 -4.61
C ILE B 179 13.45 20.55 -5.08
N VAL B 180 13.70 21.61 -4.31
CA VAL B 180 13.33 22.95 -4.72
C VAL B 180 14.29 23.52 -5.77
N VAL B 181 15.54 23.07 -5.80
CA VAL B 181 16.51 23.52 -6.80
C VAL B 181 16.36 22.60 -8.02
N PHE B 182 15.49 21.61 -7.90
CA PHE B 182 15.09 20.77 -9.03
C PHE B 182 13.82 21.27 -9.69
N GLN B 183 12.80 21.56 -8.88
CA GLN B 183 11.51 21.93 -9.42
C GLN B 183 11.56 23.29 -10.12
N LEU B 184 12.37 24.23 -9.61
CA LEU B 184 12.45 25.53 -10.30
C LEU B 184 13.11 25.39 -11.67
N PHE B 185 14.18 24.61 -11.77
CA PHE B 185 14.81 24.41 -13.06
C PHE B 185 13.88 23.66 -14.01
N LEU B 186 13.16 22.66 -13.49
CA LEU B 186 12.20 21.93 -14.32
C LEU B 186 11.10 22.86 -14.82
N LYS B 187 10.57 23.72 -13.94
CA LYS B 187 9.52 24.64 -14.34
C LYS B 187 10.02 25.65 -15.35
N MET B 188 11.25 26.15 -15.17
CA MET B 188 11.81 27.09 -16.13
C MET B 188 12.02 26.43 -17.48
N ALA B 189 12.46 25.16 -17.48
CA ALA B 189 12.64 24.46 -18.75
C ALA B 189 11.32 24.10 -19.39
N MET B 190 10.26 23.92 -18.60
CA MET B 190 8.99 23.43 -19.13
C MET B 190 8.21 24.53 -19.85
N GLY B 191 7.76 25.54 -19.11
CA GLY B 191 6.91 26.56 -19.70
C GLY B 191 7.12 27.97 -19.16
N GLN B 192 8.30 28.24 -18.61
CA GLN B 192 8.59 29.56 -18.05
C GLN B 192 9.89 30.08 -18.63
N ASN B 193 10.21 31.32 -18.29
CA ASN B 193 11.40 32.00 -18.76
C ASN B 193 12.40 32.14 -17.60
N SER B 194 13.50 32.86 -17.87
CA SER B 194 14.54 33.10 -16.90
C SER B 194 14.32 34.37 -16.09
N ASP B 195 13.06 34.74 -15.85
CA ASP B 195 12.75 35.96 -15.09
C ASP B 195 13.32 35.86 -13.68
N TRP B 196 13.97 36.94 -13.25
CA TRP B 196 14.63 36.95 -11.94
C TRP B 196 13.66 37.26 -10.80
N SER B 197 12.47 37.77 -11.09
CA SER B 197 11.41 37.85 -10.08
C SER B 197 10.61 36.57 -10.00
N SER B 198 10.60 35.76 -11.07
CA SER B 198 9.90 34.48 -11.03
C SER B 198 10.52 33.57 -9.99
N ILE B 199 11.85 33.55 -9.89
CA ILE B 199 12.51 32.70 -8.91
C ILE B 199 12.15 33.12 -7.50
N ILE B 200 12.15 34.43 -7.23
CA ILE B 200 11.87 34.88 -5.87
C ILE B 200 10.41 34.62 -5.52
N LYS B 201 9.49 34.80 -6.47
CA LYS B 201 8.09 34.45 -6.21
C LYS B 201 7.95 32.95 -5.95
N PHE B 202 8.63 32.14 -6.74
CA PHE B 202 8.52 30.69 -6.62
C PHE B 202 9.05 30.22 -5.27
N LEU B 203 10.18 30.77 -4.83
CA LEU B 203 10.72 30.40 -3.52
C LEU B 203 9.89 30.95 -2.38
N LEU B 204 9.28 32.13 -2.55
CA LEU B 204 8.41 32.65 -1.50
C LEU B 204 7.16 31.79 -1.32
N LYS B 205 6.61 31.27 -2.42
CA LYS B 205 5.41 30.43 -2.31
C LYS B 205 5.79 29.01 -1.92
N VAL B 206 6.57 28.33 -2.76
CA VAL B 206 6.84 26.91 -2.58
C VAL B 206 7.98 26.70 -1.60
N ALA B 207 7.82 25.64 -0.80
CA ALA B 207 8.64 25.21 0.32
C ALA B 207 8.45 26.13 1.52
N LEU B 208 8.00 27.35 1.27
CA LEU B 208 7.75 28.29 2.36
C LEU B 208 6.30 28.27 2.79
N GLY B 209 5.40 27.81 1.93
CA GLY B 209 4.07 27.46 2.35
C GLY B 209 4.02 25.96 2.59
N ALA B 210 4.98 25.22 2.02
CA ALA B 210 5.05 23.79 2.28
C ALA B 210 5.41 23.51 3.73
N VAL B 211 6.43 24.20 4.26
CA VAL B 211 6.75 24.04 5.67
C VAL B 211 5.56 24.45 6.54
N GLY B 212 4.89 25.54 6.18
CA GLY B 212 3.76 25.99 6.98
C GLY B 212 2.61 25.00 7.00
N ILE B 213 2.24 24.47 5.82
CA ILE B 213 1.14 23.52 5.76
C ILE B 213 1.53 22.20 6.41
N GLY B 214 2.81 21.81 6.31
CA GLY B 214 3.26 20.63 7.02
C GLY B 214 3.16 20.78 8.52
N LEU B 215 3.56 21.95 9.03
CA LEU B 215 3.40 22.23 10.46
C LEU B 215 1.94 22.23 10.86
N ALA B 216 1.07 22.79 10.02
CA ALA B 216 -0.36 22.82 10.34
C ALA B 216 -0.92 21.40 10.42
N PHE B 217 -0.60 20.57 9.42
CA PHE B 217 -1.08 19.19 9.45
C PHE B 217 -0.49 18.43 10.63
N GLY B 218 0.78 18.67 10.94
CA GLY B 218 1.40 18.00 12.07
C GLY B 218 0.75 18.36 13.40
N ILE B 219 0.50 19.66 13.62
CA ILE B 219 -0.13 20.06 14.87
C ILE B 219 -1.56 19.57 14.96
N ALA B 220 -2.29 19.58 13.83
CA ALA B 220 -3.65 19.05 13.84
C ALA B 220 -3.65 17.55 14.16
N SER B 221 -2.73 16.81 13.54
CA SER B 221 -2.64 15.37 13.79
C SER B 221 -2.22 15.09 15.23
N VAL B 222 -1.33 15.91 15.79
CA VAL B 222 -0.89 15.70 17.16
C VAL B 222 -2.03 16.01 18.14
N ILE B 223 -2.83 17.04 17.86
CA ILE B 223 -4.00 17.30 18.68
C ILE B 223 -4.96 16.13 18.61
N TRP B 224 -5.18 15.59 17.40
CA TRP B 224 -6.05 14.43 17.26
C TRP B 224 -5.51 13.23 18.03
N LEU B 225 -4.21 12.98 17.95
CA LEU B 225 -3.59 11.88 18.68
C LEU B 225 -3.75 12.06 20.18
N LYS B 226 -3.60 13.28 20.67
CA LYS B 226 -3.85 13.55 22.08
C LYS B 226 -5.30 13.24 22.43
N PHE B 227 -6.23 13.56 21.51
CA PHE B 227 -7.61 13.17 21.70
C PHE B 227 -7.78 11.66 21.54
N ILE B 228 -7.04 11.05 20.63
CA ILE B 228 -7.21 9.64 20.32
C ILE B 228 -6.66 8.79 21.46
N PHE B 229 -7.46 7.83 21.91
CA PHE B 229 -7.07 6.93 22.99
C PHE B 229 -6.18 5.83 22.44
N ASN B 230 -5.97 4.77 23.24
CA ASN B 230 -5.03 3.71 22.89
C ASN B 230 -5.54 2.85 21.73
N ASP B 231 -5.06 3.16 20.52
CA ASP B 231 -5.36 2.38 19.32
C ASP B 231 -4.17 2.52 18.39
N THR B 232 -3.32 1.49 18.35
CA THR B 232 -2.11 1.55 17.52
C THR B 232 -2.46 1.65 16.05
N VAL B 233 -3.40 0.83 15.58
CA VAL B 233 -3.75 0.81 14.17
C VAL B 233 -4.41 2.11 13.73
N ILE B 234 -5.24 2.72 14.59
CA ILE B 234 -5.79 4.02 14.28
C ILE B 234 -4.66 5.03 14.11
N GLU B 235 -3.66 4.99 14.98
CA GLU B 235 -2.55 5.94 14.90
C GLU B 235 -1.75 5.76 13.63
N ILE B 236 -1.44 4.51 13.26
CA ILE B 236 -0.67 4.27 12.05
C ILE B 236 -1.47 4.68 10.81
N THR B 237 -2.77 4.36 10.78
CA THR B 237 -3.60 4.76 9.67
C THR B 237 -3.68 6.28 9.58
N LEU B 238 -3.73 6.97 10.73
CA LEU B 238 -3.74 8.42 10.71
C LEU B 238 -2.43 8.98 10.20
N THR B 239 -1.30 8.36 10.55
CA THR B 239 -0.02 8.79 10.00
C THR B 239 -0.01 8.66 8.49
N ILE B 240 -0.50 7.54 7.96
CA ILE B 240 -0.56 7.37 6.51
C ILE B 240 -1.49 8.40 5.89
N ALA B 241 -2.66 8.60 6.48
CA ALA B 241 -3.68 9.49 5.93
C ALA B 241 -3.40 10.95 6.17
N VAL B 242 -2.38 11.30 6.94
CA VAL B 242 -1.89 12.67 7.00
C VAL B 242 -0.70 12.88 6.08
N SER B 243 0.22 11.92 5.99
CA SER B 243 1.35 12.09 5.08
C SER B 243 0.89 12.11 3.62
N TYR B 244 0.23 11.04 3.18
CA TYR B 244 -0.16 10.94 1.78
C TYR B 244 -1.26 11.92 1.41
N PHE B 245 -1.96 12.50 2.39
CA PHE B 245 -3.00 13.48 2.11
C PHE B 245 -2.47 14.91 2.17
N ALA B 246 -1.54 15.20 3.08
CA ALA B 246 -0.89 16.51 3.10
C ALA B 246 -0.03 16.70 1.87
N TYR B 247 0.62 15.64 1.38
CA TYR B 247 1.33 15.77 0.11
C TYR B 247 0.38 16.19 -1.00
N TYR B 248 -0.80 15.58 -1.06
CA TYR B 248 -1.75 15.94 -2.09
C TYR B 248 -2.24 17.37 -1.91
N THR B 249 -2.54 17.77 -0.67
CA THR B 249 -3.00 19.13 -0.42
C THR B 249 -1.92 20.16 -0.73
N ALA B 250 -0.65 19.77 -0.68
CA ALA B 250 0.44 20.69 -0.99
C ALA B 250 0.68 20.77 -2.49
N GLN B 251 1.01 19.63 -3.12
CA GLN B 251 1.38 19.66 -4.52
C GLN B 251 0.19 19.95 -5.43
N GLU B 252 -0.95 19.32 -5.16
CA GLU B 252 -2.10 19.39 -6.06
C GLU B 252 -3.11 20.47 -5.68
N TRP B 253 -3.02 21.03 -4.47
CA TRP B 253 -3.96 22.06 -4.05
C TRP B 253 -3.28 23.38 -3.70
N ALA B 254 -1.96 23.44 -3.69
CA ALA B 254 -1.25 24.68 -3.42
C ALA B 254 -0.10 24.95 -4.38
N GLY B 255 0.17 24.06 -5.33
CA GLY B 255 1.27 24.25 -6.25
C GLY B 255 2.64 24.16 -5.61
N ALA B 256 2.69 23.72 -4.35
CA ALA B 256 3.94 23.68 -3.60
C ALA B 256 4.71 22.40 -3.95
N SER B 257 5.71 22.09 -3.14
CA SER B 257 6.46 20.84 -3.26
C SER B 257 6.11 19.99 -2.04
N GLY B 258 5.15 19.08 -2.22
CA GLY B 258 4.71 18.25 -1.12
C GLY B 258 5.79 17.33 -0.59
N VAL B 259 6.85 17.09 -1.38
CA VAL B 259 7.99 16.33 -0.87
C VAL B 259 8.60 17.03 0.33
N LEU B 260 8.52 18.37 0.37
CA LEU B 260 8.91 19.10 1.56
C LEU B 260 7.86 18.99 2.67
N THR B 261 6.58 18.92 2.29
CA THR B 261 5.53 18.84 3.31
C THR B 261 5.62 17.54 4.09
N VAL B 262 5.84 16.41 3.40
CA VAL B 262 5.97 15.14 4.10
C VAL B 262 7.20 15.14 4.99
N MET B 263 8.29 15.77 4.53
CA MET B 263 9.51 15.80 5.31
C MET B 263 9.36 16.67 6.55
N THR B 264 8.70 17.82 6.44
CA THR B 264 8.48 18.64 7.62
C THR B 264 7.48 17.99 8.57
N LEU B 265 6.53 17.21 8.05
CA LEU B 265 5.69 16.40 8.93
C LEU B 265 6.54 15.40 9.70
N GLY B 266 7.48 14.75 9.03
CA GLY B 266 8.38 13.83 9.71
C GLY B 266 9.22 14.52 10.78
N MET B 267 9.74 15.71 10.47
CA MET B 267 10.51 16.47 11.44
C MET B 267 9.65 16.81 12.66
N PHE B 268 8.42 17.28 12.43
CA PHE B 268 7.56 17.65 13.55
C PHE B 268 7.19 16.44 14.39
N TYR B 269 6.93 15.29 13.75
CA TYR B 269 6.66 14.09 14.51
C TYR B 269 7.86 13.68 15.34
N ALA B 270 9.06 13.73 14.75
CA ALA B 270 10.25 13.35 15.50
C ALA B 270 10.51 14.27 16.67
N ALA B 271 10.22 15.57 16.49
CA ALA B 271 10.54 16.54 17.53
C ALA B 271 9.47 16.57 18.63
N PHE B 272 8.24 16.90 18.27
CA PHE B 272 7.21 17.18 19.25
C PHE B 272 6.31 15.97 19.54
N ALA B 273 6.34 14.94 18.70
CA ALA B 273 5.43 13.81 18.86
C ALA B 273 6.22 12.57 19.26
N ARG B 274 6.46 12.45 20.56
CA ARG B 274 6.95 11.21 21.14
C ARG B 274 6.24 10.85 22.43
N THR B 275 5.49 11.78 23.03
CA THR B 275 4.64 11.50 24.18
C THR B 275 3.19 11.27 23.82
N ALA B 276 2.72 11.89 22.72
CA ALA B 276 1.38 11.61 22.23
C ALA B 276 1.26 10.15 21.80
N PHE B 277 2.25 9.66 21.08
CA PHE B 277 2.35 8.23 20.80
C PHE B 277 2.75 7.49 22.07
N LYS B 278 2.03 6.43 22.39
CA LYS B 278 2.38 5.63 23.55
C LYS B 278 3.55 4.71 23.21
N GLY B 279 4.10 4.07 24.24
CA GLY B 279 5.20 3.13 24.04
C GLY B 279 4.83 1.95 23.17
N ASP B 280 3.53 1.67 23.04
CA ASP B 280 3.09 0.59 22.15
C ASP B 280 3.31 0.95 20.69
N SER B 281 3.37 2.25 20.39
CA SER B 281 3.45 2.70 19.01
C SER B 281 4.87 3.04 18.56
N GLN B 282 5.76 3.40 19.50
CA GLN B 282 7.13 3.70 19.10
C GLN B 282 7.87 2.49 18.56
N LYS B 283 7.45 1.28 18.93
CA LYS B 283 8.05 0.07 18.41
C LYS B 283 7.35 -0.41 17.14
N SER B 284 6.17 0.11 16.83
CA SER B 284 5.42 -0.31 15.66
C SER B 284 5.56 0.64 14.48
N LEU B 285 5.51 1.95 14.71
CA LEU B 285 5.70 2.89 13.61
C LEU B 285 7.12 2.83 13.06
N HIS B 286 8.10 2.72 13.93
CA HIS B 286 9.49 2.61 13.48
C HIS B 286 9.79 1.28 12.83
N HIS B 287 8.89 0.29 12.94
CA HIS B 287 9.02 -0.96 12.21
C HIS B 287 8.17 -1.00 10.97
N PHE B 288 7.14 -0.15 10.89
CA PHE B 288 6.26 -0.07 9.73
C PHE B 288 6.78 0.89 8.68
N TRP B 289 7.26 2.06 9.08
CA TRP B 289 7.74 3.03 8.11
C TRP B 289 9.11 2.66 7.57
N GLU B 290 9.97 2.02 8.39
CA GLU B 290 11.21 1.47 7.86
C GLU B 290 10.97 0.37 6.86
N MET B 291 9.76 -0.19 6.81
CA MET B 291 9.38 -1.16 5.80
C MET B 291 8.66 -0.52 4.62
N VAL B 292 7.88 0.53 4.85
CA VAL B 292 7.27 1.26 3.74
C VAL B 292 8.35 1.91 2.89
N ALA B 293 9.32 2.55 3.53
CA ALA B 293 10.48 3.09 2.82
C ALA B 293 11.29 2.00 2.17
N TYR B 294 11.40 0.82 2.78
CA TYR B 294 12.06 -0.29 2.13
C TYR B 294 11.35 -0.70 0.84
N ILE B 295 10.02 -0.78 0.89
CA ILE B 295 9.25 -1.11 -0.30
C ILE B 295 9.44 -0.05 -1.38
N ALA B 296 9.36 1.23 -0.98
CA ALA B 296 9.51 2.30 -1.95
C ALA B 296 10.89 2.29 -2.58
N ASN B 297 11.93 2.07 -1.78
CA ASN B 297 13.30 2.04 -2.29
C ASN B 297 13.52 0.82 -3.18
N THR B 298 12.92 -0.33 -2.85
CA THR B 298 13.02 -1.48 -3.72
C THR B 298 12.32 -1.27 -5.05
N LEU B 299 11.14 -0.63 -5.03
CA LEU B 299 10.41 -0.37 -6.27
C LEU B 299 11.12 0.67 -7.12
N ILE B 300 11.69 1.71 -6.49
CA ILE B 300 12.32 2.77 -7.27
C ILE B 300 13.55 2.27 -8.00
N PHE B 301 14.40 1.49 -7.33
CA PHE B 301 15.66 1.06 -7.91
C PHE B 301 15.49 0.05 -9.04
N ILE B 302 14.33 -0.61 -9.14
CA ILE B 302 14.05 -1.52 -10.24
C ILE B 302 13.19 -0.86 -11.30
N LEU B 303 12.29 0.05 -10.89
CA LEU B 303 11.53 0.85 -11.83
C LEU B 303 12.45 1.71 -12.67
N SER B 304 13.45 2.33 -12.04
CA SER B 304 14.45 3.13 -12.72
C SER B 304 15.54 2.28 -13.34
N GLY B 305 15.34 0.97 -13.42
CA GLY B 305 16.18 0.14 -14.26
C GLY B 305 15.39 -0.23 -15.50
N VAL B 306 14.11 -0.57 -15.27
CA VAL B 306 13.22 -0.89 -16.38
C VAL B 306 13.04 0.31 -17.30
N VAL B 307 12.82 1.50 -16.72
CA VAL B 307 12.61 2.68 -17.55
C VAL B 307 13.91 3.11 -18.22
N ILE B 308 15.06 3.00 -17.54
CA ILE B 308 16.33 3.23 -18.20
C ILE B 308 16.46 2.34 -19.42
N ALA B 309 16.13 1.06 -19.27
CA ALA B 309 16.25 0.15 -20.40
C ALA B 309 15.29 0.55 -21.53
N GLU B 310 14.04 0.87 -21.20
CA GLU B 310 13.11 1.22 -22.27
C GLU B 310 13.50 2.52 -22.96
N GLY B 311 14.25 3.38 -22.29
CA GLY B 311 14.69 4.62 -22.89
C GLY B 311 15.95 4.46 -23.72
N ILE B 312 16.88 3.62 -23.26
CA ILE B 312 18.16 3.49 -23.93
C ILE B 312 18.28 2.21 -24.77
N LEU B 313 17.36 1.27 -24.61
CA LEU B 313 17.43 0.01 -25.35
C LEU B 313 16.21 -0.20 -26.26
N ASP B 314 15.57 0.89 -26.70
CA ASP B 314 14.52 0.77 -27.71
C ASP B 314 15.07 0.13 -28.97
N SER B 315 16.02 0.79 -29.61
CA SER B 315 16.80 0.24 -30.71
C SER B 315 18.27 0.53 -30.48
N ASP B 316 18.71 0.50 -29.22
CA ASP B 316 20.03 0.93 -28.82
C ASP B 316 20.29 2.37 -29.29
N LYS B 317 19.27 3.22 -29.14
CA LYS B 317 19.36 4.59 -29.64
C LYS B 317 20.46 5.37 -28.92
N ILE B 318 20.56 5.22 -27.60
CA ILE B 318 21.56 5.92 -26.81
C ILE B 318 22.68 5.01 -26.34
N ALA B 319 22.41 3.73 -26.11
CA ALA B 319 23.43 2.84 -25.55
C ALA B 319 24.64 2.71 -26.46
N TYR B 320 24.41 2.55 -27.77
CA TYR B 320 25.52 2.40 -28.70
C TYR B 320 26.32 3.69 -28.85
N GLN B 321 25.70 4.84 -28.57
CA GLN B 321 26.40 6.11 -28.71
C GLN B 321 27.56 6.20 -27.73
N GLY B 322 28.71 6.64 -28.23
CA GLY B 322 29.87 6.86 -27.40
C GLY B 322 29.88 8.16 -26.64
N ASN B 323 28.86 8.98 -26.80
CA ASN B 323 28.74 10.25 -26.09
C ASN B 323 28.14 10.10 -24.71
N SER B 324 27.75 8.88 -24.32
CA SER B 324 27.14 8.63 -23.02
C SER B 324 27.93 7.67 -22.16
N TRP B 325 28.37 6.54 -22.72
CA TRP B 325 29.08 5.52 -21.94
C TRP B 325 30.43 5.98 -21.42
N ARG B 326 31.00 7.03 -21.99
CA ARG B 326 32.26 7.60 -21.50
C ARG B 326 32.07 8.95 -20.84
N PHE B 327 30.87 9.51 -20.86
CA PHE B 327 30.60 10.82 -20.29
C PHE B 327 29.99 10.76 -18.90
N LEU B 328 29.50 9.60 -18.47
CA LEU B 328 28.99 9.49 -17.10
C LEU B 328 30.12 9.54 -16.08
N PHE B 329 31.31 9.04 -16.44
CA PHE B 329 32.46 9.17 -15.55
C PHE B 329 32.90 10.63 -15.44
N LEU B 330 32.70 11.42 -16.50
CA LEU B 330 32.92 12.85 -16.41
C LEU B 330 31.95 13.46 -15.41
N LEU B 331 30.70 13.02 -15.41
CA LEU B 331 29.76 13.48 -14.39
C LEU B 331 30.20 13.05 -13.01
N TYR B 332 30.80 11.85 -12.89
CA TYR B 332 31.28 11.38 -11.60
C TYR B 332 32.41 12.26 -11.07
N VAL B 333 33.39 12.58 -11.93
CA VAL B 333 34.49 13.43 -11.48
C VAL B 333 33.98 14.83 -11.18
N TYR B 334 32.97 15.31 -11.91
CA TYR B 334 32.33 16.56 -11.55
C TYR B 334 31.67 16.48 -10.18
N ILE B 335 31.02 15.35 -9.87
CA ILE B 335 30.42 15.16 -8.55
C ILE B 335 31.49 15.22 -7.46
N GLN B 336 32.61 14.55 -7.69
CA GLN B 336 33.68 14.56 -6.70
C GLN B 336 34.24 15.96 -6.50
N LEU B 337 34.46 16.69 -7.60
CA LEU B 337 34.97 18.05 -7.48
C LEU B 337 33.96 18.96 -6.77
N SER B 338 32.67 18.78 -7.06
CA SER B 338 31.65 19.57 -6.39
C SER B 338 31.63 19.27 -4.90
N ARG B 339 31.77 18.00 -4.52
CA ARG B 339 31.84 17.66 -3.11
C ARG B 339 33.04 18.34 -2.45
N VAL B 340 34.19 18.33 -3.14
CA VAL B 340 35.38 18.97 -2.59
C VAL B 340 35.15 20.46 -2.40
N VAL B 341 34.57 21.12 -3.40
CA VAL B 341 34.46 22.57 -3.39
C VAL B 341 33.24 23.02 -2.60
N VAL B 342 32.42 22.07 -2.14
CA VAL B 342 31.34 22.41 -1.23
C VAL B 342 31.72 22.15 0.22
N VAL B 343 32.62 21.19 0.49
CA VAL B 343 33.16 21.10 1.84
C VAL B 343 34.18 22.20 2.11
N GLY B 344 35.05 22.50 1.15
CA GLY B 344 36.11 23.48 1.36
C GLY B 344 35.65 24.91 1.57
N VAL B 345 34.73 25.39 0.74
CA VAL B 345 34.30 26.78 0.81
C VAL B 345 33.54 27.02 2.11
N LEU B 346 32.77 26.02 2.55
CA LEU B 346 32.01 26.13 3.79
C LEU B 346 32.80 25.79 5.04
N TYR B 347 33.97 25.14 4.92
CA TYR B 347 34.78 24.75 6.07
C TYR B 347 35.09 25.91 7.02
N PRO B 348 35.42 27.13 6.52
CA PRO B 348 35.64 28.26 7.44
C PRO B 348 34.54 28.42 8.49
N LEU B 349 33.29 28.56 8.06
CA LEU B 349 32.20 28.74 9.01
C LEU B 349 31.65 27.41 9.52
N LEU B 350 32.08 26.29 8.95
CA LEU B 350 31.58 24.96 9.36
C LEU B 350 32.27 24.51 10.65
N CYS B 351 33.60 24.55 10.66
CA CYS B 351 34.35 24.13 11.84
C CYS B 351 34.19 25.09 13.01
N ARG B 352 33.69 26.30 12.77
CA ARG B 352 33.50 27.30 13.82
C ARG B 352 32.11 27.26 14.43
N PHE B 353 31.26 26.34 14.00
CA PHE B 353 29.90 26.24 14.53
C PHE B 353 29.55 24.78 14.76
N GLY B 354 28.75 24.53 15.79
CA GLY B 354 28.32 23.17 16.07
C GLY B 354 29.43 22.35 16.70
N TYR B 355 29.59 21.12 16.23
CA TYR B 355 30.62 20.22 16.72
C TYR B 355 31.98 20.45 16.05
N GLY B 356 32.07 21.38 15.12
CA GLY B 356 33.33 21.57 14.43
C GLY B 356 33.57 20.45 13.44
N LEU B 357 34.79 20.40 12.92
CA LEU B 357 35.13 19.40 11.90
C LEU B 357 36.64 19.26 11.84
N ASP B 358 37.15 18.09 12.21
CA ASP B 358 38.57 17.79 12.12
C ASP B 358 38.91 17.48 10.66
N TRP B 359 40.21 17.42 10.36
CA TRP B 359 40.63 17.10 9.00
C TRP B 359 40.16 15.72 8.60
N LYS B 360 40.27 14.73 9.49
CA LYS B 360 39.72 13.41 9.22
C LYS B 360 38.21 13.45 9.07
N GLU B 361 37.53 14.19 9.95
CA GLU B 361 36.09 14.32 9.85
C GLU B 361 35.70 15.00 8.55
N SER B 362 36.48 16.01 8.13
CA SER B 362 36.18 16.68 6.87
C SER B 362 36.37 15.74 5.68
N ILE B 363 37.49 15.02 5.62
CA ILE B 363 37.73 14.13 4.49
C ILE B 363 36.78 12.95 4.48
N ILE B 364 36.16 12.62 5.62
CA ILE B 364 35.09 11.63 5.61
C ILE B 364 33.75 12.23 5.20
N LEU B 365 33.47 13.47 5.59
CA LEU B 365 32.25 14.13 5.13
C LEU B 365 32.22 14.26 3.62
N VAL B 366 33.32 14.73 3.04
CA VAL B 366 33.51 14.62 1.59
C VAL B 366 33.87 13.17 1.27
N TRP B 367 33.78 12.81 -0.01
CA TRP B 367 34.04 11.44 -0.47
C TRP B 367 32.94 10.51 0.01
N SER B 368 32.00 11.03 0.81
CA SER B 368 30.82 10.30 1.24
C SER B 368 29.60 11.15 0.89
N GLY B 369 29.18 11.04 -0.36
CA GLY B 369 28.08 11.82 -0.90
C GLY B 369 27.08 10.90 -1.56
N LEU B 370 26.81 9.78 -0.89
CA LEU B 370 26.11 8.64 -1.44
C LEU B 370 24.85 9.04 -2.20
N ARG B 371 24.85 8.84 -3.52
CA ARG B 371 23.63 9.09 -4.29
C ARG B 371 22.72 7.88 -4.22
N GLY B 372 21.42 8.15 -4.09
CA GLY B 372 20.45 7.10 -3.84
C GLY B 372 19.20 7.27 -4.64
N ALA B 373 18.08 6.80 -4.08
CA ALA B 373 16.83 6.70 -4.81
C ALA B 373 16.14 8.04 -5.01
N VAL B 374 16.50 9.08 -4.27
CA VAL B 374 15.84 10.38 -4.44
C VAL B 374 16.22 11.06 -5.75
N ALA B 375 17.47 10.97 -6.18
CA ALA B 375 17.86 11.51 -7.47
C ALA B 375 17.34 10.63 -8.61
N LEU B 376 17.36 9.31 -8.43
CA LEU B 376 16.81 8.41 -9.44
C LEU B 376 15.33 8.66 -9.64
N ALA B 377 14.58 8.86 -8.56
CA ALA B 377 13.15 9.13 -8.67
C ALA B 377 12.89 10.44 -9.40
N LEU B 378 13.69 11.46 -9.13
CA LEU B 378 13.51 12.73 -9.82
C LEU B 378 13.81 12.61 -11.31
N SER B 379 14.90 11.92 -11.67
CA SER B 379 15.19 11.71 -13.09
C SER B 379 14.11 10.86 -13.76
N LEU B 380 13.57 9.89 -13.02
CA LEU B 380 12.49 9.06 -13.54
C LEU B 380 11.24 9.91 -13.79
N SER B 381 10.93 10.82 -12.87
CA SER B 381 9.81 11.73 -13.07
C SER B 381 10.05 12.62 -14.28
N VAL B 382 11.28 13.08 -14.48
CA VAL B 382 11.57 13.92 -15.64
C VAL B 382 11.37 13.13 -16.93
N LYS B 383 11.89 11.90 -16.98
CA LYS B 383 11.75 11.10 -18.20
C LYS B 383 10.29 10.77 -18.47
N GLN B 384 9.51 10.49 -17.42
CA GLN B 384 8.09 10.30 -17.62
C GLN B 384 7.37 11.58 -18.03
N SER B 385 8.03 12.72 -17.94
CA SER B 385 7.50 13.98 -18.44
C SER B 385 8.16 14.42 -19.74
N SER B 386 8.90 13.52 -20.40
CA SER B 386 9.63 13.87 -21.60
C SER B 386 8.69 13.87 -22.81
N GLY B 387 9.27 13.94 -24.00
CA GLY B 387 8.50 13.98 -25.23
C GLY B 387 8.05 15.35 -25.67
N ASN B 388 8.43 16.41 -24.97
CA ASN B 388 8.02 17.76 -25.31
C ASN B 388 9.05 18.41 -26.23
N SER B 389 8.73 19.61 -26.71
CA SER B 389 9.65 20.33 -27.57
C SER B 389 10.84 20.87 -26.79
N HIS B 390 10.58 21.49 -25.63
CA HIS B 390 11.65 22.06 -24.83
C HIS B 390 12.56 20.97 -24.26
N ILE B 391 11.99 19.88 -23.76
CA ILE B 391 12.76 18.71 -23.37
C ILE B 391 12.22 17.52 -24.15
N SER B 392 13.06 16.95 -25.01
CA SER B 392 12.65 15.84 -25.83
C SER B 392 12.73 14.53 -25.05
N LYS B 393 12.25 13.45 -25.68
CA LYS B 393 12.42 12.12 -25.11
C LYS B 393 13.90 11.82 -24.92
N GLU B 394 14.75 12.29 -25.83
CA GLU B 394 16.19 12.08 -25.71
C GLU B 394 16.74 12.75 -24.45
N THR B 395 16.29 13.96 -24.15
CA THR B 395 16.79 14.68 -22.99
C THR B 395 16.39 14.00 -21.69
N GLY B 396 15.12 13.61 -21.57
CA GLY B 396 14.69 12.92 -20.36
C GLY B 396 15.35 11.57 -20.19
N THR B 397 15.52 10.84 -21.29
CA THR B 397 16.25 9.57 -21.21
C THR B 397 17.70 9.80 -20.80
N LEU B 398 18.31 10.87 -21.28
CA LEU B 398 19.67 11.19 -20.87
C LEU B 398 19.75 11.53 -19.39
N PHE B 399 18.78 12.28 -18.88
CA PHE B 399 18.71 12.53 -17.44
C PHE B 399 18.65 11.23 -16.67
N LEU B 400 17.73 10.34 -17.06
CA LEU B 400 17.59 9.09 -16.32
C LEU B 400 18.87 8.26 -16.40
N PHE B 401 19.50 8.21 -17.57
CA PHE B 401 20.71 7.42 -17.72
C PHE B 401 21.86 8.00 -16.89
N PHE B 402 22.04 9.31 -16.92
CA PHE B 402 23.11 9.94 -16.16
C PHE B 402 22.91 9.72 -14.67
N THR B 403 21.69 9.94 -14.18
CA THR B 403 21.43 9.75 -12.75
C THR B 403 21.58 8.28 -12.36
N GLY B 404 21.11 7.36 -13.21
CA GLY B 404 21.29 5.95 -12.92
C GLY B 404 22.76 5.57 -12.83
N GLY B 405 23.58 6.07 -13.76
CA GLY B 405 25.00 5.79 -13.71
C GLY B 405 25.65 6.36 -12.47
N ILE B 406 25.27 7.59 -12.09
CA ILE B 406 25.87 8.21 -10.91
C ILE B 406 25.49 7.46 -9.65
N VAL B 407 24.20 7.12 -9.50
CA VAL B 407 23.76 6.37 -8.32
C VAL B 407 24.32 4.96 -8.29
N PHE B 408 24.50 4.31 -9.44
CA PHE B 408 25.20 3.04 -9.48
C PHE B 408 26.65 3.16 -9.04
N LEU B 409 27.37 4.16 -9.55
CA LEU B 409 28.79 4.30 -9.24
C LEU B 409 29.01 4.67 -7.78
N THR B 410 28.30 5.68 -7.30
CA THR B 410 28.47 6.12 -5.92
C THR B 410 27.98 5.10 -4.91
N LEU B 411 27.28 4.05 -5.34
CA LEU B 411 26.86 3.00 -4.44
C LEU B 411 27.66 1.71 -4.61
N ILE B 412 28.40 1.56 -5.71
CA ILE B 412 29.28 0.41 -5.85
C ILE B 412 30.72 0.72 -5.42
N VAL B 413 31.16 1.98 -5.56
CA VAL B 413 32.56 2.34 -5.36
C VAL B 413 32.71 3.30 -4.18
N ASN B 414 31.87 4.33 -4.12
CA ASN B 414 32.00 5.32 -3.06
C ASN B 414 31.77 4.72 -1.67
N GLY B 415 31.07 3.59 -1.58
CA GLY B 415 30.87 2.94 -0.31
C GLY B 415 32.02 2.01 0.07
N SER B 416 32.44 1.17 -0.88
CA SER B 416 33.54 0.25 -0.62
C SER B 416 34.84 1.01 -0.33
N THR B 417 35.12 2.04 -1.12
CA THR B 417 36.30 2.85 -0.87
C THR B 417 36.21 3.62 0.44
N THR B 418 35.03 4.10 0.83
CA THR B 418 34.90 4.72 2.15
C THR B 418 35.18 3.72 3.26
N GLN B 419 34.68 2.49 3.11
CA GLN B 419 34.96 1.45 4.09
C GLN B 419 36.45 1.18 4.18
N PHE B 420 37.13 1.16 3.03
CA PHE B 420 38.58 0.96 3.05
C PHE B 420 39.31 2.13 3.69
N VAL B 421 38.93 3.36 3.36
CA VAL B 421 39.71 4.52 3.79
C VAL B 421 39.42 4.86 5.25
N LEU B 422 38.33 4.34 5.81
CA LEU B 422 38.15 4.55 7.24
C LEU B 422 39.10 3.70 8.07
N ARG B 423 39.37 2.46 7.66
CA ARG B 423 40.38 1.67 8.37
C ARG B 423 41.79 2.10 7.99
N LEU B 424 41.99 2.58 6.75
CA LEU B 424 43.29 3.10 6.36
C LEU B 424 43.63 4.38 7.12
N LEU B 425 42.65 5.25 7.35
CA LEU B 425 42.88 6.51 8.03
C LEU B 425 42.65 6.42 9.54
N ARG B 426 42.81 5.22 10.10
CA ARG B 426 42.71 4.95 11.53
C ARG B 426 41.56 5.71 12.21
N MET B 427 40.37 5.52 11.65
CA MET B 427 39.14 5.97 12.33
C MET B 427 38.93 5.22 13.64
#